data_6SP8
#
_entry.id   6SP8
#
_cell.length_a   67.978
_cell.length_b   82.045
_cell.length_c   144.176
_cell.angle_alpha   90.000
_cell.angle_beta   90.000
_cell.angle_gamma   90.000
#
_symmetry.space_group_name_H-M   'P 21 21 21'
#
loop_
_entity.id
_entity.type
_entity.pdbx_description
1 polymer 'Haloalkane dehalogenase'
2 non-polymer KRYPTON
3 non-polymer 'THIOCYANATE ION'
4 non-polymer 2-[3-(2-HYDROXY-1,1-DIHYDROXYMETHYL-ETHYLAMINO)-PROPYLAMINO]-2-HYDROXYMETHYL-PROPANE-1,3-DIOL
5 non-polymer GLYCEROL
6 water water
#
_entity_poly.entity_id   1
_entity_poly.type   'polypeptide(L)'
_entity_poly.pdbx_seq_one_letter_code
;EIGTGFPFDPHYVEVLGSRMHYVDVGPRDGTPVLFLHGNPTSSYLWRNIIPHVAPSHRCIAPDLIGMGKSDKPDLDYRFD
DHVRYLDAFIEALGLEEVVLVIHDWGSALGFHWAKRNPERVKGIAFMEFIRPIPTWDEWPEFARELFQAFRTPDVGRELI
IDQNAFIEGILPKFVVRPLTEVEMDHYREPFLKPVWREPLWRFPNELPIAGEPANIWALVEAYMNWLHQSPVPKLLFWGT
PGVLIPPAEAARLAESLPNLKTVFIGPGLHYLQEDNPDLIGSEIARWLPAL
;
_entity_poly.pdbx_strand_id   A,B
#
loop_
_chem_comp.id
_chem_comp.type
_chem_comp.name
_chem_comp.formula
B3P non-polymer 2-[3-(2-HYDROXY-1,1-DIHYDROXYMETHYL-ETHYLAMINO)-PROPYLAMINO]-2-HYDROXYMETHYL-PROPANE-1,3-DIOL 'C11 H26 N2 O6'
GOL non-polymer GLYCEROL 'C3 H8 O3'
KR non-polymer KRYPTON Kr
SCN non-polymer 'THIOCYANATE ION' 'C N S -1'
#
# COMPACT_ATOMS: atom_id res chain seq x y z
N GLU A 1 -12.38 36.46 17.22
CA GLU A 1 -13.75 36.01 17.42
C GLU A 1 -13.78 34.52 17.74
N ILE A 2 -12.90 33.75 17.10
CA ILE A 2 -12.81 32.33 17.40
C ILE A 2 -12.24 32.15 18.79
N GLY A 3 -12.90 31.34 19.61
CA GLY A 3 -12.53 31.25 21.02
C GLY A 3 -11.18 30.58 21.20
N THR A 4 -10.39 31.10 22.14
CA THR A 4 -9.09 30.54 22.47
C THR A 4 -9.07 29.77 23.79
N GLY A 5 -10.12 29.89 24.60
CA GLY A 5 -10.14 29.21 25.87
C GLY A 5 -10.47 27.73 25.74
N PHE A 6 -10.20 27.01 26.83
CA PHE A 6 -10.50 25.58 26.93
C PHE A 6 -11.24 25.38 28.25
N PRO A 7 -12.53 25.66 28.26
CA PRO A 7 -13.32 25.67 29.51
C PRO A 7 -13.95 24.31 29.80
N PHE A 8 -13.11 23.28 29.85
CA PHE A 8 -13.59 21.93 30.10
C PHE A 8 -12.85 21.35 31.30
N ASP A 9 -13.60 20.86 32.27
CA ASP A 9 -13.00 20.19 33.40
C ASP A 9 -12.26 18.95 32.93
N PRO A 10 -11.10 18.65 33.50
CA PRO A 10 -10.40 17.42 33.11
C PRO A 10 -11.09 16.18 33.66
N HIS A 11 -11.13 15.14 32.83
CA HIS A 11 -11.48 13.80 33.25
C HIS A 11 -10.36 12.86 32.90
N TYR A 12 -10.13 11.87 33.75
CA TYR A 12 -9.06 10.91 33.53
C TYR A 12 -9.59 9.50 33.71
N VAL A 13 -9.04 8.58 32.93
CA VAL A 13 -9.38 7.18 33.03
C VAL A 13 -8.12 6.35 32.82
N GLU A 14 -7.98 5.29 33.59
CA GLU A 14 -6.84 4.40 33.45
C GLU A 14 -7.05 3.46 32.26
N VAL A 15 -6.07 3.44 31.35
CA VAL A 15 -6.13 2.67 30.12
C VAL A 15 -4.79 1.97 29.97
N LEU A 16 -4.80 0.63 30.02
CA LEU A 16 -3.61 -0.19 29.80
C LEU A 16 -2.44 0.25 30.68
N GLY A 17 -2.76 0.69 31.90
CA GLY A 17 -1.75 1.12 32.86
C GLY A 17 -1.32 2.56 32.76
N SER A 18 -1.91 3.34 31.86
CA SER A 18 -1.64 4.76 31.74
C SER A 18 -2.93 5.54 31.99
N ARG A 19 -2.75 6.82 32.28
CA ARG A 19 -3.88 7.73 32.45
C ARG A 19 -4.11 8.45 31.12
N MET A 20 -5.37 8.49 30.69
CA MET A 20 -5.76 9.24 29.51
C MET A 20 -6.73 10.35 29.91
N HIS A 21 -6.53 11.53 29.35
CA HIS A 21 -7.38 12.68 29.62
C HIS A 21 -8.49 12.76 28.59
N TYR A 22 -9.67 13.20 29.02
CA TYR A 22 -10.73 13.44 28.06
C TYR A 22 -11.68 14.53 28.54
N VAL A 23 -12.29 15.23 27.58
CA VAL A 23 -13.43 16.11 27.82
C VAL A 23 -14.69 15.25 27.90
N ASP A 24 -15.60 15.59 28.82
CA ASP A 24 -16.85 14.84 28.93
C ASP A 24 -17.92 15.83 29.40
N VAL A 25 -18.77 16.28 28.48
CA VAL A 25 -19.83 17.24 28.78
C VAL A 25 -21.12 16.79 28.11
N GLY A 26 -22.19 17.53 28.35
CA GLY A 26 -23.49 17.20 27.80
C GLY A 26 -24.26 16.22 28.66
N PRO A 27 -25.51 15.94 28.26
CA PRO A 27 -26.33 15.00 29.03
C PRO A 27 -25.67 13.65 29.19
N ARG A 28 -26.00 12.97 30.28
CA ARG A 28 -25.29 11.76 30.65
C ARG A 28 -25.83 10.52 29.95
N ASP A 29 -26.96 10.61 29.29
CA ASP A 29 -27.52 9.47 28.58
C ASP A 29 -27.64 9.81 27.10
N GLY A 30 -28.39 9.00 26.37
CA GLY A 30 -28.45 9.12 24.93
C GLY A 30 -27.21 8.55 24.28
N THR A 31 -27.11 8.77 22.97
CA THR A 31 -25.95 8.31 22.24
C THR A 31 -24.82 9.33 22.37
N PRO A 32 -23.64 8.92 22.81
CA PRO A 32 -22.52 9.86 22.95
C PRO A 32 -21.88 10.14 21.60
N VAL A 33 -21.32 11.34 21.51
CA VAL A 33 -20.58 11.78 20.33
C VAL A 33 -19.11 11.80 20.70
N LEU A 34 -18.30 11.02 19.98
CA LEU A 34 -16.89 10.83 20.30
C LEU A 34 -16.05 11.60 19.28
N PHE A 35 -15.29 12.58 19.76
CA PHE A 35 -14.49 13.47 18.93
C PHE A 35 -13.05 13.02 18.95
N LEU A 36 -12.46 12.74 17.78
CA LEU A 36 -11.10 12.21 17.70
C LEU A 36 -10.19 13.15 16.90
N HIS A 37 -9.18 13.70 17.58
CA HIS A 37 -8.19 14.58 16.96
C HIS A 37 -7.07 13.75 16.32
N GLY A 38 -6.17 14.47 15.61
CA GLY A 38 -5.00 13.86 15.00
C GLY A 38 -3.71 14.58 15.37
N ASN A 39 -2.81 14.71 14.40
CA ASN A 39 -1.45 15.21 14.60
C ASN A 39 -1.37 16.69 14.27
N PRO A 40 -0.76 17.56 15.12
CA PRO A 40 -0.19 17.37 16.45
C PRO A 40 -1.10 17.97 17.49
N THR A 41 -2.39 17.68 17.41
CA THR A 41 -3.37 18.42 18.19
C THR A 41 -3.81 17.61 19.41
N SER A 42 -4.97 17.94 19.94
CA SER A 42 -5.53 17.32 21.14
C SER A 42 -7.01 17.64 21.14
N SER A 43 -7.68 17.38 22.26
CA SER A 43 -9.08 17.79 22.37
C SER A 43 -9.23 19.30 22.25
N TYR A 44 -8.16 20.06 22.45
CA TYR A 44 -8.22 21.51 22.23
C TYR A 44 -8.77 21.86 20.85
N LEU A 45 -8.48 21.02 19.85
CA LEU A 45 -8.96 21.25 18.48
C LEU A 45 -10.47 21.33 18.38
N TRP A 46 -11.19 20.68 19.30
CA TRP A 46 -12.64 20.59 19.25
C TRP A 46 -13.32 21.61 20.14
N ARG A 47 -12.55 22.54 20.74
CA ARG A 47 -13.08 23.38 21.82
C ARG A 47 -14.23 24.27 21.36
N ASN A 48 -14.23 24.70 20.10
CA ASN A 48 -15.28 25.58 19.61
C ASN A 48 -16.35 24.82 18.85
N ILE A 49 -16.24 23.50 18.75
N ILE A 49 -16.18 23.51 18.70
CA ILE A 49 -17.25 22.68 18.09
CA ILE A 49 -17.17 22.63 18.09
C ILE A 49 -18.13 21.96 19.09
C ILE A 49 -18.12 22.05 19.13
N ILE A 50 -17.55 21.45 20.17
CA ILE A 50 -18.27 20.76 21.23
C ILE A 50 -19.42 21.59 21.80
N PRO A 51 -19.28 22.90 22.04
CA PRO A 51 -20.41 23.66 22.62
C PRO A 51 -21.66 23.69 21.77
N HIS A 52 -21.56 23.45 20.46
CA HIS A 52 -22.77 23.34 19.64
C HIS A 52 -23.50 22.03 19.85
N VAL A 53 -22.79 20.99 20.29
CA VAL A 53 -23.33 19.64 20.36
C VAL A 53 -23.74 19.30 21.79
N ALA A 54 -22.98 19.82 22.76
CA ALA A 54 -23.23 19.51 24.17
C ALA A 54 -24.65 19.83 24.68
N PRO A 55 -25.38 20.83 24.16
CA PRO A 55 -26.75 21.01 24.66
C PRO A 55 -27.62 19.78 24.47
N SER A 56 -27.37 18.98 23.43
CA SER A 56 -28.25 17.87 23.10
C SER A 56 -27.64 16.49 23.30
N HIS A 57 -26.31 16.37 23.33
CA HIS A 57 -25.67 15.06 23.33
C HIS A 57 -24.46 15.07 24.24
N ARG A 58 -24.17 13.90 24.82
CA ARG A 58 -22.89 13.72 25.50
C ARG A 58 -21.76 13.85 24.51
N CYS A 59 -20.75 14.64 24.88
CA CYS A 59 -19.57 14.87 24.05
C CYS A 59 -18.36 14.35 24.79
N ILE A 60 -17.62 13.43 24.16
CA ILE A 60 -16.43 12.83 24.74
C ILE A 60 -15.29 13.10 23.78
N ALA A 61 -14.22 13.73 24.27
CA ALA A 61 -13.09 14.07 23.40
C ALA A 61 -11.81 13.65 24.10
N PRO A 62 -11.27 12.47 23.78
CA PRO A 62 -10.02 12.05 24.41
C PRO A 62 -8.80 12.70 23.77
N ASP A 63 -7.74 12.80 24.57
CA ASP A 63 -6.40 13.06 24.06
C ASP A 63 -5.74 11.71 23.81
N LEU A 64 -5.29 11.49 22.58
CA LEU A 64 -4.61 10.25 22.23
C LEU A 64 -3.42 10.04 23.16
N ILE A 65 -3.02 8.78 23.30
CA ILE A 65 -1.90 8.47 24.18
C ILE A 65 -0.66 9.21 23.70
N GLY A 66 0.11 9.75 24.64
CA GLY A 66 1.25 10.59 24.30
C GLY A 66 0.93 12.00 23.84
N MET A 67 -0.35 12.41 23.88
CA MET A 67 -0.76 13.71 23.36
C MET A 67 -1.65 14.41 24.37
N GLY A 68 -1.79 15.72 24.19
CA GLY A 68 -2.62 16.51 25.09
C GLY A 68 -2.20 16.33 26.54
N LYS A 69 -3.18 16.07 27.41
CA LYS A 69 -2.95 15.84 28.82
C LYS A 69 -2.89 14.36 29.17
N SER A 70 -2.85 13.48 28.18
CA SER A 70 -2.71 12.06 28.47
C SER A 70 -1.26 11.72 28.81
N ASP A 71 -1.09 10.56 29.42
CA ASP A 71 0.25 10.13 29.84
C ASP A 71 1.14 9.86 28.64
N LYS A 72 2.42 9.65 28.93
CA LYS A 72 3.45 9.49 27.90
C LYS A 72 4.23 8.21 28.15
N PRO A 73 3.59 7.04 27.97
CA PRO A 73 4.30 5.78 28.20
C PRO A 73 5.40 5.54 27.17
N ASP A 74 6.27 4.59 27.50
CA ASP A 74 7.39 4.25 26.63
C ASP A 74 6.92 3.31 25.51
N LEU A 75 6.26 3.90 24.51
CA LEU A 75 5.74 3.14 23.38
C LEU A 75 6.56 3.40 22.13
N ASP A 76 6.37 2.52 21.14
CA ASP A 76 6.83 2.86 19.80
C ASP A 76 6.09 4.08 19.27
N TYR A 77 4.81 4.22 19.62
CA TYR A 77 3.87 5.21 19.07
C TYR A 77 3.58 4.97 17.60
N ARG A 78 3.57 3.71 17.19
N ARG A 78 3.57 3.70 17.17
CA ARG A 78 3.04 3.34 15.89
CA ARG A 78 3.06 3.36 15.85
C ARG A 78 1.52 3.45 15.89
C ARG A 78 1.54 3.31 15.89
N PHE A 79 0.94 3.34 14.70
CA PHE A 79 -0.52 3.40 14.60
C PHE A 79 -1.18 2.31 15.46
N ASP A 80 -0.61 1.11 15.46
CA ASP A 80 -1.22 0.03 16.24
C ASP A 80 -1.27 0.36 17.73
N ASP A 81 -0.27 1.11 18.23
CA ASP A 81 -0.32 1.52 19.64
C ASP A 81 -1.54 2.40 19.89
N HIS A 82 -1.79 3.36 19.01
CA HIS A 82 -2.96 4.22 19.17
C HIS A 82 -4.25 3.40 19.06
N VAL A 83 -4.28 2.41 18.18
CA VAL A 83 -5.47 1.56 18.05
C VAL A 83 -5.75 0.87 19.37
N ARG A 84 -4.70 0.31 19.98
CA ARG A 84 -4.87 -0.41 21.24
C ARG A 84 -5.38 0.51 22.34
N TYR A 85 -4.80 1.70 22.47
CA TYR A 85 -5.20 2.58 23.56
C TYR A 85 -6.60 3.16 23.33
N LEU A 86 -6.95 3.51 22.08
CA LEU A 86 -8.30 4.01 21.87
C LEU A 86 -9.35 2.92 22.08
N ASP A 87 -9.06 1.69 21.62
CA ASP A 87 -9.97 0.57 21.87
C ASP A 87 -10.24 0.43 23.36
N ALA A 88 -9.17 0.47 24.15
CA ALA A 88 -9.30 0.26 25.59
C ALA A 88 -9.94 1.46 26.27
N PHE A 89 -9.73 2.66 25.73
CA PHE A 89 -10.41 3.86 26.23
C PHE A 89 -11.92 3.74 26.07
N ILE A 90 -12.36 3.33 24.88
CA ILE A 90 -13.80 3.21 24.62
C ILE A 90 -14.43 2.18 25.55
N GLU A 91 -13.75 1.05 25.75
CA GLU A 91 -14.30 0.03 26.65
C GLU A 91 -14.26 0.50 28.11
N ALA A 92 -13.22 1.24 28.50
CA ALA A 92 -13.12 1.72 29.87
C ALA A 92 -14.24 2.68 30.22
N LEU A 93 -14.73 3.42 29.24
CA LEU A 93 -15.85 4.31 29.45
C LEU A 93 -17.19 3.61 29.27
N GLY A 94 -17.19 2.33 28.88
CA GLY A 94 -18.42 1.60 28.72
C GLY A 94 -19.30 2.09 27.60
N LEU A 95 -18.72 2.70 26.58
CA LEU A 95 -19.51 3.15 25.46
C LEU A 95 -20.04 1.96 24.67
N GLU A 96 -21.32 2.04 24.31
CA GLU A 96 -21.93 1.01 23.49
C GLU A 96 -22.02 1.53 22.06
N GLU A 97 -23.10 2.23 21.73
N GLU A 97 -23.11 2.21 21.73
CA GLU A 97 -23.24 2.90 20.44
CA GLU A 97 -23.23 2.89 20.45
C GLU A 97 -22.69 4.32 20.53
C GLU A 97 -22.64 4.29 20.55
N VAL A 98 -22.10 4.79 19.43
CA VAL A 98 -21.50 6.12 19.40
C VAL A 98 -21.79 6.77 18.05
N VAL A 99 -21.73 8.11 18.04
CA VAL A 99 -21.53 8.89 16.82
C VAL A 99 -20.08 9.36 16.82
N LEU A 100 -19.40 9.24 15.67
CA LEU A 100 -18.00 9.62 15.56
C LEU A 100 -17.89 11.00 14.89
N VAL A 101 -17.02 11.84 15.44
CA VAL A 101 -16.65 13.10 14.79
C VAL A 101 -15.13 13.11 14.72
N ILE A 102 -14.57 12.99 13.50
CA ILE A 102 -13.17 12.58 13.40
C ILE A 102 -12.41 13.41 12.36
N HIS A 103 -11.09 13.48 12.57
CA HIS A 103 -10.19 14.33 11.79
C HIS A 103 -8.81 13.67 11.72
N ASP A 104 -8.16 13.71 10.55
CA ASP A 104 -6.72 13.32 10.40
C ASP A 104 -6.48 11.92 10.98
N TRP A 105 -5.45 11.71 11.82
CA TRP A 105 -5.24 10.37 12.35
C TRP A 105 -6.36 9.92 13.27
N GLY A 106 -7.13 10.86 13.83
CA GLY A 106 -8.34 10.49 14.54
C GLY A 106 -9.36 9.84 13.63
N SER A 107 -9.35 10.22 12.35
CA SER A 107 -10.25 9.57 11.40
C SER A 107 -9.78 8.17 11.02
N ALA A 108 -8.46 7.96 10.87
CA ALA A 108 -7.99 6.59 10.68
C ALA A 108 -8.38 5.72 11.87
N LEU A 109 -8.23 6.23 13.09
CA LEU A 109 -8.65 5.48 14.26
C LEU A 109 -10.15 5.23 14.26
N GLY A 110 -10.92 6.29 13.96
CA GLY A 110 -12.37 6.16 14.01
C GLY A 110 -12.92 5.24 12.94
N PHE A 111 -12.44 5.39 11.71
CA PHE A 111 -12.92 4.53 10.63
C PHE A 111 -12.51 3.08 10.86
N HIS A 112 -11.28 2.87 11.36
CA HIS A 112 -10.83 1.51 11.63
C HIS A 112 -11.65 0.88 12.75
N TRP A 113 -12.02 1.67 13.75
CA TRP A 113 -12.89 1.15 14.80
C TRP A 113 -14.29 0.87 14.26
N ALA A 114 -14.79 1.75 13.40
CA ALA A 114 -16.13 1.55 12.85
C ALA A 114 -16.19 0.29 12.01
N LYS A 115 -15.17 0.05 11.18
CA LYS A 115 -15.15 -1.16 10.36
C LYS A 115 -15.21 -2.41 11.23
N ARG A 116 -14.52 -2.41 12.37
CA ARG A 116 -14.50 -3.55 13.27
C ARG A 116 -15.71 -3.60 14.19
N ASN A 117 -16.44 -2.50 14.32
CA ASN A 117 -17.59 -2.45 15.21
C ASN A 117 -18.78 -1.79 14.53
N PRO A 118 -19.20 -2.29 13.36
CA PRO A 118 -20.15 -1.52 12.53
C PRO A 118 -21.53 -1.35 13.17
N GLU A 119 -21.96 -2.32 13.98
CA GLU A 119 -23.26 -2.21 14.64
C GLU A 119 -23.28 -1.13 15.71
N ARG A 120 -22.11 -0.64 16.13
CA ARG A 120 -22.03 0.33 17.21
C ARG A 120 -21.87 1.77 16.73
N VAL A 121 -21.84 2.01 15.42
CA VAL A 121 -21.62 3.36 14.93
C VAL A 121 -22.91 3.85 14.30
N LYS A 122 -23.48 4.91 14.87
CA LYS A 122 -24.75 5.43 14.41
C LYS A 122 -24.61 6.57 13.40
N GLY A 123 -23.41 7.12 13.25
CA GLY A 123 -23.16 8.15 12.25
C GLY A 123 -21.71 8.54 12.35
N ILE A 124 -21.19 9.10 11.26
CA ILE A 124 -19.79 9.53 11.22
C ILE A 124 -19.74 10.89 10.55
N ALA A 125 -19.26 11.90 11.28
CA ALA A 125 -18.91 13.19 10.70
C ALA A 125 -17.40 13.26 10.59
N PHE A 126 -16.91 13.71 9.44
CA PHE A 126 -15.48 13.62 9.21
C PHE A 126 -15.04 14.77 8.32
N MET A 127 -13.74 15.03 8.35
CA MET A 127 -13.15 16.15 7.63
C MET A 127 -11.66 15.92 7.56
N GLU A 128 -11.06 16.21 6.40
CA GLU A 128 -9.61 16.19 6.24
C GLU A 128 -9.03 14.90 6.84
N PHE A 129 -9.52 13.79 6.29
CA PHE A 129 -9.33 12.47 6.86
C PHE A 129 -8.28 11.69 6.08
N ILE A 130 -7.81 10.61 6.70
N ILE A 130 -7.80 10.61 6.69
CA ILE A 130 -6.78 9.78 6.10
CA ILE A 130 -6.75 9.84 6.06
C ILE A 130 -7.40 8.87 5.04
C ILE A 130 -7.37 8.87 5.05
N ARG A 131 -6.92 8.98 3.81
CA ARG A 131 -7.29 8.13 2.71
C ARG A 131 -5.98 7.74 2.03
N PRO A 132 -5.97 6.68 1.22
CA PRO A 132 -4.75 6.34 0.48
C PRO A 132 -4.49 7.36 -0.62
N ILE A 133 -3.38 8.08 -0.49
CA ILE A 133 -3.01 9.12 -1.46
C ILE A 133 -2.21 8.46 -2.58
N PRO A 134 -2.71 8.47 -3.83
CA PRO A 134 -2.06 7.63 -4.86
C PRO A 134 -0.67 8.07 -5.24
N THR A 135 -0.39 9.38 -5.30
CA THR A 135 0.91 9.88 -5.68
C THR A 135 1.25 11.12 -4.87
N TRP A 136 2.55 11.41 -4.80
CA TRP A 136 3.00 12.66 -4.20
C TRP A 136 2.52 13.88 -4.97
N ASP A 137 2.15 13.71 -6.24
CA ASP A 137 1.53 14.80 -6.99
C ASP A 137 0.20 15.24 -6.40
N GLU A 138 -0.51 14.32 -5.73
CA GLU A 138 -1.76 14.69 -5.08
C GLU A 138 -1.52 15.43 -3.77
N TRP A 139 -0.30 15.39 -3.24
CA TRP A 139 0.03 16.16 -2.06
C TRP A 139 0.25 17.62 -2.43
N PRO A 140 -0.27 18.56 -1.64
CA PRO A 140 -0.13 19.98 -1.98
C PRO A 140 1.32 20.38 -2.19
N GLU A 141 1.56 21.12 -3.27
CA GLU A 141 2.93 21.45 -3.65
C GLU A 141 3.66 22.18 -2.53
N PHE A 142 2.98 23.11 -1.84
CA PHE A 142 3.69 23.92 -0.86
C PHE A 142 4.13 23.13 0.38
N ALA A 143 3.69 21.88 0.51
CA ALA A 143 4.04 21.05 1.66
C ALA A 143 4.70 19.74 1.23
N ARG A 144 4.96 19.56 -0.06
CA ARG A 144 5.42 18.27 -0.56
C ARG A 144 6.84 17.98 -0.12
N GLU A 145 7.75 18.93 -0.32
CA GLU A 145 9.14 18.71 0.08
C GLU A 145 9.25 18.50 1.59
N LEU A 146 8.43 19.19 2.37
CA LEU A 146 8.48 19.07 3.82
C LEU A 146 8.06 17.67 4.28
N PHE A 147 6.94 17.17 3.74
CA PHE A 147 6.49 15.85 4.19
C PHE A 147 7.38 14.74 3.65
N GLN A 148 7.98 14.93 2.47
CA GLN A 148 8.97 13.95 2.03
C GLN A 148 10.19 13.96 2.97
N ALA A 149 10.56 15.14 3.47
CA ALA A 149 11.68 15.23 4.40
C ALA A 149 11.34 14.62 5.76
N PHE A 150 10.08 14.76 6.20
CA PHE A 150 9.66 14.11 7.43
C PHE A 150 9.84 12.60 7.35
N ARG A 151 9.65 12.04 6.15
CA ARG A 151 9.74 10.61 5.89
C ARG A 151 11.13 10.20 5.40
N THR A 152 12.12 11.10 5.47
CA THR A 152 13.50 10.83 5.09
C THR A 152 14.33 10.49 6.33
N PRO A 153 15.11 9.41 6.31
CA PRO A 153 15.88 9.02 7.50
C PRO A 153 16.76 10.16 7.99
N ASP A 154 16.81 10.30 9.33
CA ASP A 154 17.59 11.31 10.05
C ASP A 154 17.01 12.71 9.88
N VAL A 155 16.81 13.15 8.63
CA VAL A 155 16.31 14.49 8.36
C VAL A 155 14.97 14.71 9.05
N GLY A 156 14.06 13.73 8.94
CA GLY A 156 12.73 13.92 9.49
C GLY A 156 12.73 14.10 11.00
N ARG A 157 13.63 13.37 11.69
CA ARG A 157 13.70 13.49 13.14
C ARG A 157 14.32 14.82 13.55
N GLU A 158 15.32 15.28 12.78
CA GLU A 158 15.86 16.60 13.06
C GLU A 158 14.79 17.67 12.96
N LEU A 159 13.95 17.60 11.93
CA LEU A 159 12.90 18.61 11.76
C LEU A 159 11.85 18.50 12.85
N ILE A 160 11.32 17.31 13.08
CA ILE A 160 10.14 17.18 13.93
C ILE A 160 10.51 17.07 15.41
N ILE A 161 11.53 16.27 15.74
CA ILE A 161 11.92 16.07 17.13
C ILE A 161 12.78 17.22 17.63
N ASP A 162 13.84 17.55 16.88
CA ASP A 162 14.77 18.56 17.38
C ASP A 162 14.24 19.97 17.22
N GLN A 163 13.61 20.28 16.09
CA GLN A 163 13.18 21.64 15.77
C GLN A 163 11.68 21.87 15.93
N ASN A 164 10.92 20.83 16.28
CA ASN A 164 9.48 20.94 16.54
C ASN A 164 8.72 21.46 15.32
N ALA A 165 9.11 20.98 14.14
CA ALA A 165 8.55 21.50 12.89
C ALA A 165 7.06 21.25 12.78
N PHE A 166 6.53 20.18 13.39
CA PHE A 166 5.09 19.94 13.18
C PHE A 166 4.24 20.94 13.93
N ILE A 167 4.73 21.39 15.09
CA ILE A 167 4.00 22.38 15.88
C ILE A 167 4.27 23.79 15.37
N GLU A 168 5.55 24.12 15.13
CA GLU A 168 5.89 25.49 14.78
C GLU A 168 5.70 25.79 13.30
N GLY A 169 5.78 24.78 12.44
CA GLY A 169 5.63 24.99 11.02
C GLY A 169 4.29 24.52 10.49
N ILE A 170 4.04 23.21 10.58
CA ILE A 170 2.90 22.63 9.87
C ILE A 170 1.58 23.16 10.43
N LEU A 171 1.44 23.18 11.75
CA LEU A 171 0.17 23.58 12.35
C LEU A 171 -0.28 24.97 11.89
N PRO A 172 0.50 26.04 12.04
CA PRO A 172 0.02 27.34 11.53
C PRO A 172 -0.04 27.41 10.01
N LYS A 173 0.79 26.66 9.29
CA LYS A 173 0.73 26.69 7.83
C LYS A 173 -0.52 26.02 7.28
N PHE A 174 -1.17 25.16 8.07
CA PHE A 174 -2.33 24.42 7.60
C PHE A 174 -3.64 24.98 8.18
N VAL A 175 -3.60 26.22 8.68
CA VAL A 175 -4.77 27.03 9.02
C VAL A 175 -4.71 28.27 8.15
N VAL A 176 -5.84 28.61 7.52
CA VAL A 176 -5.85 29.77 6.62
C VAL A 176 -5.72 31.07 7.41
N ARG A 177 -6.55 31.24 8.43
CA ARG A 177 -6.42 32.41 9.28
C ARG A 177 -5.24 32.25 10.22
N PRO A 178 -4.70 33.35 10.76
CA PRO A 178 -3.53 33.24 11.65
C PRO A 178 -3.90 32.73 13.03
N LEU A 179 -3.19 31.70 13.49
CA LEU A 179 -3.35 31.25 14.86
C LEU A 179 -2.73 32.26 15.80
N THR A 180 -3.37 32.44 16.96
CA THR A 180 -2.87 33.39 17.95
C THR A 180 -1.84 32.72 18.85
N GLU A 181 -1.09 33.55 19.58
CA GLU A 181 -0.07 33.01 20.47
C GLU A 181 -0.70 32.16 21.58
N VAL A 182 -1.88 32.57 22.07
CA VAL A 182 -2.56 31.78 23.09
C VAL A 182 -2.90 30.40 22.55
N GLU A 183 -3.40 30.34 21.31
CA GLU A 183 -3.72 29.05 20.72
C GLU A 183 -2.46 28.22 20.49
N MET A 184 -1.40 28.85 19.97
CA MET A 184 -0.14 28.12 19.78
C MET A 184 0.38 27.57 21.09
N ASP A 185 0.26 28.34 22.17
CA ASP A 185 0.77 27.85 23.45
C ASP A 185 -0.02 26.65 23.96
N HIS A 186 -1.32 26.61 23.70
CA HIS A 186 -2.09 25.42 24.03
C HIS A 186 -1.59 24.21 23.25
N TYR A 187 -1.32 24.39 21.96
CA TYR A 187 -0.83 23.27 21.15
C TYR A 187 0.61 22.91 21.51
N ARG A 188 1.40 23.87 21.98
CA ARG A 188 2.79 23.61 22.33
C ARG A 188 2.95 22.83 23.63
N GLU A 189 2.02 23.00 24.57
CA GLU A 189 2.24 22.51 25.93
C GLU A 189 2.60 21.03 26.02
N PRO A 190 1.99 20.10 25.30
CA PRO A 190 2.36 18.68 25.48
C PRO A 190 3.70 18.31 24.90
N PHE A 191 4.35 19.22 24.17
CA PHE A 191 5.55 18.87 23.41
C PHE A 191 6.72 19.80 23.69
N LEU A 192 6.73 20.45 24.86
CA LEU A 192 7.78 21.42 25.16
C LEU A 192 9.17 20.79 25.13
N LYS A 193 9.28 19.51 25.47
CA LYS A 193 10.56 18.79 25.47
C LYS A 193 10.65 17.85 24.27
N PRO A 194 11.79 17.84 23.59
CA PRO A 194 11.99 16.92 22.46
C PRO A 194 11.68 15.46 22.76
N VAL A 195 11.95 14.98 23.98
CA VAL A 195 11.73 13.58 24.29
C VAL A 195 10.25 13.21 24.22
N TRP A 196 9.37 14.21 24.19
CA TRP A 196 7.94 13.99 24.12
C TRP A 196 7.41 13.93 22.68
N ARG A 197 8.26 14.10 21.68
CA ARG A 197 7.76 14.37 20.34
C ARG A 197 7.72 13.16 19.42
N GLU A 198 8.02 11.96 19.93
CA GLU A 198 7.98 10.77 19.08
C GLU A 198 6.66 10.61 18.32
N PRO A 199 5.48 10.77 18.93
CA PRO A 199 4.25 10.61 18.15
C PRO A 199 4.20 11.55 16.96
N LEU A 200 4.79 12.74 17.09
CA LEU A 200 4.68 13.75 16.04
C LEU A 200 5.47 13.35 14.82
N TRP A 201 6.51 12.54 15.00
CA TRP A 201 7.32 12.03 13.91
C TRP A 201 6.77 10.71 13.37
N ARG A 202 6.22 9.86 14.24
CA ARG A 202 5.70 8.58 13.79
C ARG A 202 4.53 8.78 12.83
N PHE A 203 3.66 9.74 13.13
CA PHE A 203 2.45 9.93 12.33
C PHE A 203 2.75 10.21 10.86
N PRO A 204 3.58 11.19 10.50
CA PRO A 204 3.83 11.41 9.06
C PRO A 204 4.53 10.24 8.42
N ASN A 205 5.28 9.46 9.19
CA ASN A 205 5.92 8.27 8.64
C ASN A 205 4.95 7.12 8.46
N GLU A 206 3.71 7.24 8.93
CA GLU A 206 2.67 6.25 8.69
C GLU A 206 1.66 6.66 7.61
N LEU A 207 1.71 7.91 7.14
CA LEU A 207 0.73 8.36 6.14
C LEU A 207 0.76 7.46 4.92
N PRO A 208 -0.39 7.00 4.44
CA PRO A 208 -0.39 6.10 3.28
C PRO A 208 -0.33 6.89 1.99
N ILE A 209 0.87 6.99 1.42
CA ILE A 209 1.13 7.80 0.24
C ILE A 209 1.92 6.94 -0.75
N ALA A 210 1.43 6.86 -1.99
CA ALA A 210 2.13 6.16 -3.06
C ALA A 210 2.45 4.72 -2.66
N GLY A 211 1.49 4.08 -1.98
CA GLY A 211 1.59 2.68 -1.62
C GLY A 211 2.32 2.37 -0.32
N GLU A 212 2.91 3.36 0.33
CA GLU A 212 3.76 3.07 1.48
C GLU A 212 3.43 3.94 2.67
N PRO A 213 3.58 3.41 3.90
CA PRO A 213 3.95 2.02 4.19
C PRO A 213 2.83 1.05 3.84
N ALA A 214 3.21 -0.15 3.41
CA ALA A 214 2.22 -1.09 2.90
C ALA A 214 1.18 -1.48 3.94
N ASN A 215 1.59 -1.62 5.22
CA ASN A 215 0.64 -2.07 6.23
C ASN A 215 -0.46 -1.03 6.48
N ILE A 216 -0.09 0.25 6.55
CA ILE A 216 -1.11 1.28 6.75
C ILE A 216 -1.94 1.44 5.49
N TRP A 217 -1.29 1.39 4.32
CA TRP A 217 -2.03 1.47 3.07
C TRP A 217 -3.16 0.45 3.03
N ALA A 218 -2.85 -0.80 3.38
CA ALA A 218 -3.85 -1.85 3.32
C ALA A 218 -4.96 -1.63 4.36
N LEU A 219 -4.57 -1.21 5.57
CA LEU A 219 -5.55 -0.94 6.62
C LEU A 219 -6.52 0.16 6.20
N VAL A 220 -6.00 1.25 5.61
CA VAL A 220 -6.84 2.38 5.23
C VAL A 220 -7.71 2.02 4.03
N GLU A 221 -7.13 1.32 3.05
CA GLU A 221 -7.93 0.78 1.95
C GLU A 221 -9.10 -0.03 2.48
N ALA A 222 -8.85 -0.85 3.51
CA ALA A 222 -9.89 -1.71 4.04
C ALA A 222 -11.03 -0.90 4.64
N TYR A 223 -10.70 0.14 5.42
CA TYR A 223 -11.83 0.87 5.99
C TYR A 223 -12.50 1.80 4.98
N MET A 224 -11.79 2.23 3.93
CA MET A 224 -12.48 2.96 2.87
C MET A 224 -13.43 2.04 2.11
N ASN A 225 -13.02 0.79 1.88
CA ASN A 225 -13.92 -0.18 1.25
C ASN A 225 -15.15 -0.40 2.10
N TRP A 226 -14.96 -0.51 3.43
CA TRP A 226 -16.09 -0.64 4.33
C TRP A 226 -17.00 0.59 4.24
N LEU A 227 -16.40 1.78 4.25
CA LEU A 227 -17.19 3.01 4.21
C LEU A 227 -18.04 3.09 2.96
N HIS A 228 -17.49 2.65 1.82
CA HIS A 228 -18.22 2.74 0.56
C HIS A 228 -19.42 1.80 0.50
N GLN A 229 -19.44 0.73 1.29
CA GLN A 229 -20.56 -0.19 1.33
C GLN A 229 -21.46 0.01 2.55
N SER A 230 -21.14 0.94 3.42
CA SER A 230 -21.89 1.04 4.66
C SER A 230 -23.06 2.01 4.50
N PRO A 231 -24.24 1.67 5.03
CA PRO A 231 -25.37 2.60 5.00
C PRO A 231 -25.32 3.65 6.11
N VAL A 232 -24.27 3.67 6.93
CA VAL A 232 -24.24 4.57 8.09
C VAL A 232 -24.37 6.02 7.62
N PRO A 233 -25.13 6.87 8.31
CA PRO A 233 -25.17 8.29 7.95
C PRO A 233 -23.79 8.91 8.05
N LYS A 234 -23.45 9.72 7.05
CA LYS A 234 -22.14 10.31 6.93
C LYS A 234 -22.27 11.81 6.68
N LEU A 235 -21.35 12.59 7.24
CA LEU A 235 -21.33 14.03 7.07
C LEU A 235 -19.89 14.46 6.85
N LEU A 236 -19.60 15.01 5.67
CA LEU A 236 -18.25 15.43 5.29
C LEU A 236 -18.18 16.95 5.25
N PHE A 237 -17.20 17.51 5.94
CA PHE A 237 -16.86 18.91 5.82
C PHE A 237 -15.60 19.04 4.98
N TRP A 238 -15.59 20.00 4.06
CA TRP A 238 -14.44 20.18 3.18
C TRP A 238 -14.24 21.66 2.91
N GLY A 239 -12.97 22.03 2.64
CA GLY A 239 -12.62 23.40 2.33
C GLY A 239 -11.78 23.47 1.07
N THR A 240 -11.47 24.72 0.68
CA THR A 240 -10.60 24.91 -0.45
C THR A 240 -9.38 25.72 -0.04
N PRO A 241 -8.16 25.31 -0.43
CA PRO A 241 -7.88 24.18 -1.33
C PRO A 241 -7.83 22.80 -0.64
N GLY A 242 -7.93 22.76 0.68
CA GLY A 242 -7.79 21.50 1.40
C GLY A 242 -6.35 21.03 1.40
N VAL A 243 -6.11 19.91 2.09
CA VAL A 243 -4.80 19.27 2.08
C VAL A 243 -5.00 17.79 1.76
N LEU A 244 -5.55 17.03 2.71
CA LEU A 244 -5.80 15.62 2.45
C LEU A 244 -7.00 15.40 1.56
N ILE A 245 -7.98 16.30 1.61
CA ILE A 245 -9.23 16.15 0.86
C ILE A 245 -9.41 17.39 0.00
N PRO A 246 -8.78 17.44 -1.17
CA PRO A 246 -9.00 18.57 -2.09
C PRO A 246 -10.41 18.52 -2.64
N PRO A 247 -10.87 19.63 -3.23
CA PRO A 247 -12.24 19.66 -3.77
C PRO A 247 -12.61 18.51 -4.68
N ALA A 248 -11.71 18.07 -5.58
CA ALA A 248 -12.03 16.96 -6.47
C ALA A 248 -12.28 15.68 -5.69
N GLU A 249 -11.57 15.49 -4.57
CA GLU A 249 -11.82 14.32 -3.74
C GLU A 249 -13.14 14.44 -3.00
N ALA A 250 -13.46 15.64 -2.49
CA ALA A 250 -14.76 15.83 -1.87
C ALA A 250 -15.88 15.52 -2.86
N ALA A 251 -15.72 15.96 -4.10
CA ALA A 251 -16.69 15.65 -5.14
C ALA A 251 -16.82 14.15 -5.38
N ARG A 252 -15.68 13.46 -5.44
N ARG A 252 -15.68 13.45 -5.44
CA ARG A 252 -15.70 12.01 -5.64
CA ARG A 252 -15.71 12.01 -5.65
C ARG A 252 -16.42 11.30 -4.50
C ARG A 252 -16.43 11.30 -4.50
N LEU A 253 -16.20 11.75 -3.27
CA LEU A 253 -16.90 11.15 -2.13
C LEU A 253 -18.38 11.44 -2.17
N ALA A 254 -18.76 12.66 -2.57
CA ALA A 254 -20.18 12.99 -2.73
C ALA A 254 -20.87 12.05 -3.71
N GLU A 255 -20.15 11.56 -4.72
CA GLU A 255 -20.76 10.66 -5.70
C GLU A 255 -20.76 9.21 -5.23
N SER A 256 -19.75 8.78 -4.45
CA SER A 256 -19.54 7.37 -4.19
C SER A 256 -19.97 6.90 -2.82
N LEU A 257 -20.03 7.77 -1.81
CA LEU A 257 -20.35 7.21 -0.50
C LEU A 257 -21.86 7.20 -0.27
N PRO A 258 -22.40 6.10 0.25
CA PRO A 258 -23.84 6.08 0.57
C PRO A 258 -24.17 7.03 1.70
N ASN A 259 -25.35 7.63 1.63
CA ASN A 259 -25.97 8.34 2.75
C ASN A 259 -25.07 9.46 3.27
N LEU A 260 -24.51 10.23 2.34
CA LEU A 260 -23.53 11.27 2.65
C LEU A 260 -24.13 12.65 2.42
N LYS A 261 -24.02 13.50 3.43
CA LYS A 261 -24.23 14.94 3.31
C LYS A 261 -22.86 15.63 3.30
N THR A 262 -22.69 16.60 2.42
CA THR A 262 -21.44 17.36 2.35
C THR A 262 -21.70 18.81 2.69
N VAL A 263 -20.72 19.43 3.36
CA VAL A 263 -20.78 20.84 3.74
C VAL A 263 -19.46 21.50 3.39
N PHE A 264 -19.50 22.46 2.46
CA PHE A 264 -18.35 23.26 2.09
C PHE A 264 -18.18 24.37 3.12
N ILE A 265 -16.98 24.49 3.70
CA ILE A 265 -16.78 25.45 4.79
C ILE A 265 -16.12 26.73 4.33
N GLY A 266 -15.80 26.86 3.04
CA GLY A 266 -15.07 28.02 2.58
C GLY A 266 -13.59 27.75 2.54
N PRO A 267 -12.79 28.80 2.71
CA PRO A 267 -11.32 28.63 2.76
C PRO A 267 -10.92 27.65 3.85
N GLY A 268 -10.04 26.72 3.49
CA GLY A 268 -9.57 25.79 4.49
C GLY A 268 -8.43 24.97 3.95
N LEU A 269 -7.49 24.62 4.84
CA LEU A 269 -6.37 23.78 4.47
C LEU A 269 -6.57 22.45 5.18
N HIS A 270 -5.96 22.21 6.33
CA HIS A 270 -6.13 20.94 7.01
C HIS A 270 -6.93 21.04 8.29
N TYR A 271 -6.61 21.99 9.18
CA TYR A 271 -7.28 22.11 10.48
C TYR A 271 -8.53 22.98 10.31
N LEU A 272 -9.52 22.39 9.65
CA LEU A 272 -10.71 23.15 9.27
C LEU A 272 -11.44 23.67 10.49
N GLN A 273 -11.32 22.97 11.63
CA GLN A 273 -11.94 23.40 12.88
C GLN A 273 -11.45 24.77 13.31
N GLU A 274 -10.26 25.17 12.88
CA GLU A 274 -9.70 26.45 13.25
C GLU A 274 -10.09 27.56 12.29
N ASP A 275 -10.64 27.22 11.13
CA ASP A 275 -11.08 28.23 10.17
C ASP A 275 -12.58 28.49 10.21
N ASN A 276 -13.42 27.49 10.45
CA ASN A 276 -14.87 27.71 10.50
C ASN A 276 -15.51 26.77 11.51
N PRO A 277 -15.18 26.94 12.80
CA PRO A 277 -15.79 26.08 13.82
C PRO A 277 -17.29 26.26 13.95
N ASP A 278 -17.79 27.48 13.72
CA ASP A 278 -19.22 27.73 13.92
C ASP A 278 -20.05 26.93 12.92
N LEU A 279 -19.62 26.90 11.65
CA LEU A 279 -20.36 26.13 10.66
C LEU A 279 -20.25 24.64 10.93
N ILE A 280 -19.06 24.16 11.31
CA ILE A 280 -18.90 22.74 11.55
C ILE A 280 -19.73 22.31 12.75
N GLY A 281 -19.63 23.04 13.86
CA GLY A 281 -20.39 22.67 15.04
C GLY A 281 -21.89 22.76 14.83
N SER A 282 -22.35 23.85 14.20
CA SER A 282 -23.79 24.02 14.01
C SER A 282 -24.35 22.97 13.06
N GLU A 283 -23.58 22.61 12.03
CA GLU A 283 -24.08 21.60 11.10
C GLU A 283 -24.10 20.22 11.72
N ILE A 284 -23.12 19.88 12.57
CA ILE A 284 -23.20 18.62 13.28
C ILE A 284 -24.45 18.60 14.15
N ALA A 285 -24.71 19.70 14.86
CA ALA A 285 -25.85 19.74 15.76
C ALA A 285 -27.16 19.57 15.00
N ARG A 286 -27.23 20.12 13.78
CA ARG A 286 -28.46 20.01 12.98
C ARG A 286 -28.62 18.61 12.41
N TRP A 287 -27.51 17.89 12.21
CA TRP A 287 -27.53 16.59 11.57
C TRP A 287 -27.84 15.46 12.56
N LEU A 288 -27.44 15.63 13.82
CA LEU A 288 -27.63 14.56 14.80
C LEU A 288 -29.07 14.11 14.99
N PRO A 289 -30.09 14.98 14.98
CA PRO A 289 -31.46 14.48 15.18
C PRO A 289 -31.91 13.47 14.14
N ALA A 290 -31.48 13.61 12.89
CA ALA A 290 -31.88 12.67 11.84
C ALA A 290 -31.36 11.26 12.10
N LEU A 291 -30.34 11.10 12.94
CA LEU A 291 -29.79 9.79 13.22
C LEU A 291 -30.76 8.96 14.07
N GLU B 1 14.02 -30.15 -30.30
CA GLU B 1 12.71 -29.96 -29.66
C GLU B 1 12.86 -29.50 -28.22
N ILE B 2 11.83 -28.81 -27.72
CA ILE B 2 11.90 -28.14 -26.44
C ILE B 2 11.61 -29.16 -25.33
N GLY B 3 12.49 -29.22 -24.33
CA GLY B 3 12.38 -30.25 -23.31
C GLY B 3 11.15 -30.06 -22.43
N THR B 4 10.50 -31.18 -22.12
CA THR B 4 9.33 -31.17 -21.25
C THR B 4 9.63 -31.64 -19.84
N GLY B 5 10.82 -32.20 -19.61
CA GLY B 5 11.15 -32.74 -18.30
C GLY B 5 11.60 -31.67 -17.33
N PHE B 6 11.58 -32.04 -16.05
CA PHE B 6 12.02 -31.17 -14.96
C PHE B 6 13.01 -31.98 -14.14
N PRO B 7 14.26 -32.06 -14.61
CA PRO B 7 15.27 -32.92 -13.97
C PRO B 7 16.06 -32.18 -12.89
N PHE B 8 15.35 -31.66 -11.90
CA PHE B 8 15.98 -30.92 -10.81
C PHE B 8 15.55 -31.51 -9.48
N ASP B 9 16.53 -31.85 -8.66
CA ASP B 9 16.23 -32.32 -7.33
C ASP B 9 15.54 -31.20 -6.54
N PRO B 10 14.53 -31.53 -5.74
CA PRO B 10 13.88 -30.49 -4.95
C PRO B 10 14.74 -30.05 -3.78
N HIS B 11 14.74 -28.74 -3.53
CA HIS B 11 15.31 -28.15 -2.33
C HIS B 11 14.22 -27.37 -1.62
N TYR B 12 14.25 -27.40 -0.29
CA TYR B 12 13.24 -26.73 0.50
C TYR B 12 13.90 -25.89 1.59
N VAL B 13 13.32 -24.74 1.88
CA VAL B 13 13.79 -23.87 2.94
C VAL B 13 12.58 -23.30 3.66
N GLU B 14 12.68 -23.20 4.99
CA GLU B 14 11.61 -22.64 5.80
C GLU B 14 11.67 -21.12 5.73
N VAL B 15 10.54 -20.51 5.37
CA VAL B 15 10.44 -19.08 5.18
C VAL B 15 9.16 -18.64 5.88
N LEU B 16 9.31 -17.82 6.93
CA LEU B 16 8.16 -17.23 7.63
C LEU B 16 7.14 -18.28 8.06
N GLY B 17 7.63 -19.46 8.46
CA GLY B 17 6.78 -20.54 8.91
C GLY B 17 6.24 -21.45 7.82
N SER B 18 6.59 -21.20 6.55
CA SER B 18 6.18 -22.05 5.44
C SER B 18 7.41 -22.61 4.74
N ARG B 19 7.19 -23.71 4.03
CA ARG B 19 8.23 -24.31 3.20
C ARG B 19 8.15 -23.73 1.79
N MET B 20 9.29 -23.29 1.25
CA MET B 20 9.38 -22.88 -0.14
C MET B 20 10.29 -23.83 -0.90
N HIS B 21 9.89 -24.18 -2.11
CA HIS B 21 10.68 -25.05 -2.99
C HIS B 21 11.56 -24.22 -3.90
N TYR B 22 12.74 -24.75 -4.21
CA TYR B 22 13.58 -24.09 -5.19
C TYR B 22 14.50 -25.09 -5.89
N VAL B 23 14.84 -24.77 -7.15
CA VAL B 23 15.93 -25.39 -7.87
C VAL B 23 17.24 -24.76 -7.41
N ASP B 24 18.29 -25.58 -7.27
CA ASP B 24 19.61 -25.06 -6.87
C ASP B 24 20.66 -25.96 -7.53
N VAL B 25 21.27 -25.48 -8.61
CA VAL B 25 22.26 -26.24 -9.34
C VAL B 25 23.44 -25.33 -9.68
N GLY B 26 24.47 -25.90 -10.29
CA GLY B 26 25.65 -25.15 -10.65
C GLY B 26 26.65 -25.08 -9.52
N PRO B 27 27.82 -24.48 -9.79
CA PRO B 27 28.86 -24.39 -8.77
C PRO B 27 28.37 -23.69 -7.51
N ARG B 28 28.97 -24.05 -6.37
CA ARG B 28 28.44 -23.61 -5.10
C ARG B 28 28.94 -22.22 -4.69
N ASP B 29 29.93 -21.68 -5.39
CA ASP B 29 30.43 -20.34 -5.08
C ASP B 29 30.24 -19.43 -6.29
N GLY B 30 30.90 -18.28 -6.28
CA GLY B 30 30.68 -17.28 -7.30
C GLY B 30 29.37 -16.54 -7.06
N THR B 31 29.03 -15.69 -8.01
CA THR B 31 27.80 -14.94 -7.90
C THR B 31 26.62 -15.80 -8.35
N PRO B 32 25.60 -15.97 -7.52
CA PRO B 32 24.45 -16.78 -7.92
C PRO B 32 23.52 -16.02 -8.86
N VAL B 33 22.85 -16.78 -9.71
CA VAL B 33 21.86 -16.26 -10.64
C VAL B 33 20.50 -16.69 -10.13
N LEU B 34 19.65 -15.71 -9.81
CA LEU B 34 18.33 -15.96 -9.22
C LEU B 34 17.26 -15.76 -10.29
N PHE B 35 16.51 -16.82 -10.58
CA PHE B 35 15.48 -16.83 -11.63
C PHE B 35 14.11 -16.69 -10.98
N LEU B 36 13.33 -15.69 -11.40
CA LEU B 36 12.04 -15.43 -10.78
C LEU B 36 10.93 -15.52 -11.82
N HIS B 37 10.03 -16.49 -11.65
CA HIS B 37 8.86 -16.67 -12.50
C HIS B 37 7.73 -15.75 -12.07
N GLY B 38 6.64 -15.75 -12.86
CA GLY B 38 5.43 -15.00 -12.59
C GLY B 38 4.20 -15.87 -12.63
N ASN B 39 3.10 -15.29 -13.15
CA ASN B 39 1.77 -15.91 -13.14
C ASN B 39 1.50 -16.61 -14.46
N PRO B 40 1.00 -17.87 -14.48
CA PRO B 40 0.70 -18.80 -13.39
C PRO B 40 1.73 -19.90 -13.37
N THR B 41 3.00 -19.54 -13.43
CA THR B 41 4.04 -20.51 -13.70
C THR B 41 4.79 -20.85 -12.40
N SER B 42 6.00 -21.36 -12.55
CA SER B 42 6.83 -21.82 -11.44
C SER B 42 8.24 -21.91 -11.97
N SER B 43 9.12 -22.51 -11.19
CA SER B 43 10.48 -22.75 -11.68
C SER B 43 10.50 -23.62 -12.92
N TYR B 44 9.43 -24.39 -13.17
CA TYR B 44 9.31 -25.15 -14.41
C TYR B 44 9.54 -24.28 -15.65
N LEU B 45 9.16 -23.00 -15.58
CA LEU B 45 9.31 -22.09 -16.71
C LEU B 45 10.78 -21.93 -17.13
N TRP B 46 11.70 -22.12 -16.19
CA TRP B 46 13.13 -21.90 -16.44
C TRP B 46 13.86 -23.19 -16.77
N ARG B 47 13.14 -24.30 -16.94
CA ARG B 47 13.78 -25.62 -17.00
C ARG B 47 14.73 -25.75 -18.19
N ASN B 48 14.45 -25.08 -19.30
CA ASN B 48 15.30 -25.22 -20.48
C ASN B 48 16.29 -24.07 -20.62
N ILE B 49 16.25 -23.13 -19.69
CA ILE B 49 17.17 -22.01 -19.67
C ILE B 49 18.32 -22.23 -18.69
N ILE B 50 18.00 -22.71 -17.49
CA ILE B 50 18.99 -23.00 -16.45
C ILE B 50 20.15 -23.87 -16.94
N PRO B 51 19.93 -24.92 -17.74
CA PRO B 51 21.08 -25.75 -18.17
C PRO B 51 22.14 -25.00 -18.95
N HIS B 52 21.81 -23.86 -19.57
CA HIS B 52 22.83 -23.06 -20.23
C HIS B 52 23.68 -22.29 -19.26
N VAL B 53 23.17 -22.02 -18.06
CA VAL B 53 23.83 -21.14 -17.11
C VAL B 53 24.54 -21.96 -16.04
N ALA B 54 23.96 -23.10 -15.68
CA ALA B 54 24.51 -23.94 -14.61
C ALA B 54 25.95 -24.41 -14.82
N PRO B 55 26.47 -24.57 -16.05
CA PRO B 55 27.90 -24.93 -16.14
C PRO B 55 28.82 -23.91 -15.49
N SER B 56 28.45 -22.64 -15.46
CA SER B 56 29.34 -21.59 -15.00
C SER B 56 28.91 -20.90 -13.72
N HIS B 57 27.62 -20.97 -13.35
CA HIS B 57 27.10 -20.17 -12.25
C HIS B 57 26.09 -20.97 -11.45
N ARG B 58 26.04 -20.68 -10.16
CA ARG B 58 24.96 -21.19 -9.33
C ARG B 58 23.65 -20.63 -9.85
N CYS B 59 22.65 -21.50 -10.01
CA CYS B 59 21.32 -21.14 -10.49
C CYS B 59 20.33 -21.48 -9.38
N ILE B 60 19.58 -20.47 -8.93
CA ILE B 60 18.56 -20.62 -7.90
C ILE B 60 17.24 -20.18 -8.49
N ALA B 61 16.23 -21.05 -8.45
CA ALA B 61 14.93 -20.73 -9.02
C ALA B 61 13.85 -21.11 -8.03
N PRO B 62 13.35 -20.17 -7.23
CA PRO B 62 12.30 -20.48 -6.26
C PRO B 62 10.93 -20.52 -6.92
N ASP B 63 10.05 -21.29 -6.30
CA ASP B 63 8.61 -21.19 -6.56
C ASP B 63 8.04 -20.18 -5.57
N LEU B 64 7.37 -19.15 -6.09
CA LEU B 64 6.75 -18.16 -5.23
C LEU B 64 5.78 -18.83 -4.26
N ILE B 65 5.54 -18.17 -3.13
CA ILE B 65 4.64 -18.72 -2.12
C ILE B 65 3.27 -18.95 -2.75
N GLY B 66 2.66 -20.08 -2.43
CA GLY B 66 1.41 -20.45 -3.06
C GLY B 66 1.51 -20.98 -4.48
N MET B 67 2.72 -21.16 -5.01
N MET B 67 2.72 -21.13 -5.02
CA MET B 67 2.89 -21.58 -6.38
CA MET B 67 2.93 -21.55 -6.40
C MET B 67 3.91 -22.71 -6.46
C MET B 67 3.91 -22.71 -6.45
N GLY B 68 3.90 -23.42 -7.59
CA GLY B 68 4.82 -24.53 -7.76
C GLY B 68 4.70 -25.56 -6.64
N LYS B 69 5.86 -25.99 -6.12
CA LYS B 69 5.92 -26.91 -5.01
C LYS B 69 6.05 -26.20 -3.66
N SER B 70 5.92 -24.89 -3.62
CA SER B 70 5.97 -24.18 -2.35
C SER B 70 4.64 -24.35 -1.60
N ASP B 71 4.68 -24.06 -0.30
CA ASP B 71 3.51 -24.22 0.55
C ASP B 71 2.41 -23.22 0.16
N LYS B 72 1.23 -23.46 0.71
CA LYS B 72 0.04 -22.66 0.42
C LYS B 72 -0.56 -22.11 1.70
N PRO B 73 0.12 -21.17 2.35
CA PRO B 73 -0.43 -20.59 3.59
C PRO B 73 -1.64 -19.73 3.30
N ASP B 74 -2.37 -19.44 4.39
CA ASP B 74 -3.59 -18.65 4.31
C ASP B 74 -3.22 -17.17 4.26
N LEU B 75 -2.84 -16.72 3.06
CA LEU B 75 -2.49 -15.33 2.82
C LEU B 75 -3.55 -14.63 1.99
N ASP B 76 -3.49 -13.30 2.01
CA ASP B 76 -4.24 -12.54 1.02
C ASP B 76 -3.73 -12.82 -0.38
N TYR B 77 -2.42 -13.08 -0.51
CA TYR B 77 -1.68 -13.21 -1.78
C TYR B 77 -1.68 -11.89 -2.55
N ARG B 78 -1.56 -10.80 -1.81
CA ARG B 78 -1.28 -9.51 -2.41
C ARG B 78 0.20 -9.41 -2.75
N PHE B 79 0.54 -8.43 -3.56
CA PHE B 79 1.94 -8.23 -3.93
C PHE B 79 2.83 -8.15 -2.69
N ASP B 80 2.37 -7.44 -1.65
CA ASP B 80 3.19 -7.30 -0.44
C ASP B 80 3.50 -8.64 0.18
N ASP B 81 2.59 -9.61 0.07
CA ASP B 81 2.87 -10.94 0.61
C ASP B 81 4.03 -11.59 -0.14
N HIS B 82 4.00 -11.52 -1.48
CA HIS B 82 5.11 -12.08 -2.24
C HIS B 82 6.41 -11.38 -1.94
N VAL B 83 6.36 -10.05 -1.74
CA VAL B 83 7.58 -9.32 -1.40
C VAL B 83 8.15 -9.86 -0.09
N ARG B 84 7.30 -10.03 0.91
CA ARG B 84 7.78 -10.51 2.21
C ARG B 84 8.40 -11.89 2.10
N TYR B 85 7.76 -12.82 1.40
CA TYR B 85 8.29 -14.17 1.32
C TYR B 85 9.55 -14.23 0.46
N LEU B 86 9.62 -13.48 -0.64
CA LEU B 86 10.86 -13.50 -1.42
C LEU B 86 12.00 -12.85 -0.64
N ASP B 87 11.73 -11.75 0.06
CA ASP B 87 12.76 -11.12 0.89
C ASP B 87 13.34 -12.13 1.86
N ALA B 88 12.45 -12.86 2.52
CA ALA B 88 12.88 -13.80 3.55
C ALA B 88 13.54 -15.03 2.93
N PHE B 89 13.10 -15.44 1.74
CA PHE B 89 13.77 -16.52 1.02
C PHE B 89 15.22 -16.16 0.72
N ILE B 90 15.46 -14.96 0.20
CA ILE B 90 16.81 -14.55 -0.16
C ILE B 90 17.71 -14.52 1.07
N GLU B 91 17.18 -14.01 2.19
CA GLU B 91 17.99 -13.97 3.41
C GLU B 91 18.20 -15.36 3.98
N ALA B 92 17.21 -16.24 3.86
CA ALA B 92 17.33 -17.60 4.39
C ALA B 92 18.41 -18.39 3.66
N LEU B 93 18.64 -18.10 2.40
CA LEU B 93 19.69 -18.74 1.63
C LEU B 93 21.02 -18.02 1.76
N GLY B 94 21.06 -16.91 2.48
CA GLY B 94 22.31 -16.20 2.70
C GLY B 94 22.89 -15.57 1.46
N LEU B 95 22.05 -15.23 0.49
CA LEU B 95 22.57 -14.60 -0.71
C LEU B 95 23.04 -13.20 -0.39
N GLU B 96 24.19 -12.82 -0.98
CA GLU B 96 24.74 -11.49 -0.80
C GLU B 96 24.52 -10.77 -2.11
N GLU B 97 25.46 -10.84 -3.06
CA GLU B 97 25.28 -10.31 -4.39
C GLU B 97 24.58 -11.34 -5.26
N VAL B 98 23.78 -10.88 -6.23
CA VAL B 98 23.07 -11.78 -7.13
C VAL B 98 23.02 -11.17 -8.52
N VAL B 99 22.84 -12.03 -9.52
CA VAL B 99 22.35 -11.64 -10.83
C VAL B 99 20.89 -12.08 -10.92
N LEU B 100 20.02 -11.21 -11.41
CA LEU B 100 18.60 -11.50 -11.52
C LEU B 100 18.25 -11.88 -12.96
N VAL B 101 17.43 -12.92 -13.11
CA VAL B 101 16.82 -13.28 -14.39
C VAL B 101 15.32 -13.36 -14.11
N ILE B 102 14.54 -12.42 -14.67
CA ILE B 102 13.19 -12.20 -14.16
C ILE B 102 12.17 -12.04 -15.29
N HIS B 103 10.91 -12.37 -14.98
CA HIS B 103 9.81 -12.40 -15.94
C HIS B 103 8.52 -12.03 -15.22
N ASP B 104 7.67 -11.20 -15.86
CA ASP B 104 6.27 -10.97 -15.39
C ASP B 104 6.26 -10.53 -13.92
N TRP B 105 5.43 -11.12 -13.06
CA TRP B 105 5.43 -10.70 -11.66
C TRP B 105 6.76 -11.00 -10.96
N GLY B 106 7.55 -11.95 -11.47
CA GLY B 106 8.90 -12.12 -10.96
C GLY B 106 9.76 -10.91 -11.23
N SER B 107 9.48 -10.19 -12.33
CA SER B 107 10.22 -8.98 -12.63
C SER B 107 9.79 -7.83 -11.70
N ALA B 108 8.50 -7.74 -11.37
CA ALA B 108 8.12 -6.74 -10.37
C ALA B 108 8.82 -7.03 -9.04
N LEU B 109 8.85 -8.31 -8.63
CA LEU B 109 9.55 -8.67 -7.41
C LEU B 109 11.04 -8.38 -7.52
N GLY B 110 11.65 -8.75 -8.64
CA GLY B 110 13.09 -8.58 -8.78
C GLY B 110 13.50 -7.12 -8.85
N PHE B 111 12.79 -6.33 -9.66
CA PHE B 111 13.12 -4.92 -9.77
C PHE B 111 12.87 -4.19 -8.46
N HIS B 112 11.79 -4.54 -7.75
CA HIS B 112 11.53 -3.90 -6.46
C HIS B 112 12.61 -4.27 -5.44
N TRP B 113 13.09 -5.51 -5.48
CA TRP B 113 14.19 -5.89 -4.59
C TRP B 113 15.47 -5.17 -4.97
N ALA B 114 15.74 -5.05 -6.27
CA ALA B 114 16.94 -4.37 -6.74
C ALA B 114 16.94 -2.91 -6.31
N LYS B 115 15.80 -2.22 -6.45
CA LYS B 115 15.72 -0.82 -6.05
C LYS B 115 16.08 -0.65 -4.57
N ARG B 116 15.63 -1.58 -3.73
CA ARG B 116 15.89 -1.51 -2.30
C ARG B 116 17.25 -2.06 -1.92
N ASN B 117 17.89 -2.81 -2.81
CA ASN B 117 19.18 -3.45 -2.51
C ASN B 117 20.15 -3.23 -3.67
N PRO B 118 20.39 -1.99 -4.09
CA PRO B 118 21.06 -1.77 -5.38
C PRO B 118 22.50 -2.22 -5.39
N GLU B 119 23.18 -2.16 -4.24
CA GLU B 119 24.56 -2.64 -4.15
C GLU B 119 24.67 -4.14 -4.30
N ARG B 120 23.56 -4.87 -4.21
CA ARG B 120 23.61 -6.33 -4.23
C ARG B 120 23.23 -6.93 -5.57
N VAL B 121 22.93 -6.11 -6.57
CA VAL B 121 22.49 -6.61 -7.88
C VAL B 121 23.60 -6.32 -8.88
N LYS B 122 24.20 -7.37 -9.42
CA LYS B 122 25.30 -7.23 -10.35
C LYS B 122 24.86 -7.18 -11.81
N GLY B 123 23.61 -7.54 -12.10
CA GLY B 123 23.11 -7.54 -13.46
C GLY B 123 21.68 -8.02 -13.42
N ILE B 124 20.92 -7.61 -14.45
CA ILE B 124 19.51 -7.98 -14.52
C ILE B 124 19.20 -8.36 -15.96
N ALA B 125 18.78 -9.61 -16.17
CA ALA B 125 18.22 -10.06 -17.43
C ALA B 125 16.71 -10.16 -17.26
N PHE B 126 15.96 -9.62 -18.22
CA PHE B 126 14.52 -9.58 -18.02
C PHE B 126 13.83 -9.69 -19.37
N MET B 127 12.53 -9.97 -19.31
CA MET B 127 11.73 -10.18 -20.50
C MET B 127 10.28 -10.08 -20.09
N GLU B 128 9.45 -9.46 -20.95
CA GLU B 128 8.00 -9.44 -20.76
C GLU B 128 7.66 -9.09 -19.30
N PHE B 129 8.16 -7.93 -18.89
CA PHE B 129 8.19 -7.52 -17.50
C PHE B 129 7.07 -6.53 -17.19
N ILE B 130 6.81 -6.34 -15.90
N ILE B 130 6.82 -6.33 -15.89
CA ILE B 130 5.70 -5.47 -15.50
CA ILE B 130 5.76 -5.45 -15.44
C ILE B 130 6.18 -4.03 -15.51
C ILE B 130 6.23 -4.01 -15.52
N ARG B 131 5.48 -3.20 -16.25
CA ARG B 131 5.74 -1.77 -16.40
C ARG B 131 4.39 -1.09 -16.27
N PRO B 132 4.36 0.22 -16.01
CA PRO B 132 3.06 0.90 -15.95
C PRO B 132 2.46 0.99 -17.34
N ILE B 133 1.24 0.48 -17.48
CA ILE B 133 0.51 0.49 -18.74
C ILE B 133 -0.42 1.71 -18.71
N PRO B 134 -0.17 2.75 -19.50
CA PRO B 134 -0.90 4.01 -19.27
C PRO B 134 -2.40 3.92 -19.58
N THR B 135 -2.81 3.17 -20.61
CA THR B 135 -4.21 3.00 -20.92
C THR B 135 -4.45 1.58 -21.39
N TRP B 136 -5.72 1.17 -21.34
CA TRP B 136 -6.09 -0.14 -21.88
C TRP B 136 -5.82 -0.23 -23.38
N ASP B 137 -5.73 0.90 -24.07
CA ASP B 137 -5.36 0.86 -25.48
C ASP B 137 -3.97 0.29 -25.69
N GLU B 138 -3.11 0.34 -24.69
CA GLU B 138 -1.78 -0.24 -24.81
C GLU B 138 -1.72 -1.68 -24.37
N TRP B 139 -2.82 -2.22 -23.87
CA TRP B 139 -2.94 -3.67 -23.71
C TRP B 139 -3.32 -4.30 -25.05
N PRO B 140 -2.71 -5.43 -25.42
CA PRO B 140 -3.01 -6.05 -26.73
C PRO B 140 -4.50 -6.32 -26.90
N GLU B 141 -5.01 -5.96 -28.09
CA GLU B 141 -6.46 -6.05 -28.30
C GLU B 141 -6.97 -7.47 -28.11
N PHE B 142 -6.21 -8.47 -28.55
CA PHE B 142 -6.69 -9.85 -28.49
C PHE B 142 -6.81 -10.38 -27.07
N ALA B 143 -6.25 -9.69 -26.08
CA ALA B 143 -6.35 -10.11 -24.69
C ALA B 143 -7.00 -9.04 -23.81
N ARG B 144 -7.51 -7.97 -24.42
CA ARG B 144 -8.00 -6.84 -23.64
C ARG B 144 -9.30 -7.19 -22.91
N GLU B 145 -10.28 -7.77 -23.61
CA GLU B 145 -11.55 -8.09 -22.95
C GLU B 145 -11.35 -9.09 -21.82
N LEU B 146 -10.47 -10.07 -22.02
CA LEU B 146 -10.26 -11.10 -21.00
C LEU B 146 -9.66 -10.51 -19.73
N PHE B 147 -8.63 -9.66 -19.87
CA PHE B 147 -8.01 -9.10 -18.67
C PHE B 147 -8.89 -8.05 -18.02
N GLN B 148 -9.72 -7.35 -18.81
CA GLN B 148 -10.73 -6.50 -18.18
C GLN B 148 -11.72 -7.33 -17.37
N ALA B 149 -12.06 -8.52 -17.88
CA ALA B 149 -12.97 -9.40 -17.17
C ALA B 149 -12.32 -9.97 -15.91
N PHE B 150 -11.03 -10.30 -15.99
CA PHE B 150 -10.31 -10.76 -14.80
C PHE B 150 -10.39 -9.75 -13.67
N ARG B 151 -10.42 -8.46 -14.01
CA ARG B 151 -10.44 -7.36 -13.05
C ARG B 151 -11.85 -6.85 -12.79
N THR B 152 -12.87 -7.57 -13.23
CA THR B 152 -14.28 -7.23 -13.01
C THR B 152 -14.84 -8.01 -11.85
N PRO B 153 -15.52 -7.36 -10.90
CA PRO B 153 -16.05 -8.08 -9.73
C PRO B 153 -16.90 -9.29 -10.13
N ASP B 154 -16.69 -10.39 -9.40
CA ASP B 154 -17.38 -11.67 -9.56
C ASP B 154 -16.94 -12.41 -10.82
N VAL B 155 -17.07 -11.77 -11.98
CA VAL B 155 -16.70 -12.39 -13.26
C VAL B 155 -15.27 -12.91 -13.20
N GLY B 156 -14.34 -12.08 -12.73
CA GLY B 156 -12.93 -12.46 -12.74
C GLY B 156 -12.66 -13.70 -11.92
N ARG B 157 -13.34 -13.82 -10.77
CA ARG B 157 -13.15 -15.03 -9.97
C ARG B 157 -13.81 -16.23 -10.61
N GLU B 158 -14.95 -16.04 -11.28
CA GLU B 158 -15.56 -17.16 -12.01
C GLU B 158 -14.60 -17.71 -13.04
N LEU B 159 -13.98 -16.81 -13.83
CA LEU B 159 -13.05 -17.25 -14.87
C LEU B 159 -11.82 -17.91 -14.27
N ILE B 160 -11.14 -17.23 -13.33
CA ILE B 160 -9.82 -17.69 -12.91
C ILE B 160 -9.92 -18.76 -11.82
N ILE B 161 -10.79 -18.58 -10.82
CA ILE B 161 -10.87 -19.53 -9.71
C ILE B 161 -11.71 -20.74 -10.10
N ASP B 162 -12.92 -20.50 -10.62
CA ASP B 162 -13.83 -21.61 -10.88
C ASP B 162 -13.44 -22.35 -12.16
N GLN B 163 -13.07 -21.64 -13.22
CA GLN B 163 -12.84 -22.23 -14.52
C GLN B 163 -11.36 -22.39 -14.85
N ASN B 164 -10.47 -21.93 -13.97
CA ASN B 164 -9.02 -22.06 -14.15
C ASN B 164 -8.55 -21.42 -15.46
N ALA B 165 -9.12 -20.25 -15.79
CA ALA B 165 -8.84 -19.61 -17.08
C ALA B 165 -7.38 -19.22 -17.24
N PHE B 166 -6.67 -18.94 -16.14
CA PHE B 166 -5.29 -18.50 -16.35
C PHE B 166 -4.40 -19.65 -16.79
N ILE B 167 -4.69 -20.87 -16.33
CA ILE B 167 -3.92 -22.05 -16.71
C ILE B 167 -4.40 -22.61 -18.04
N GLU B 168 -5.72 -22.77 -18.21
CA GLU B 168 -6.22 -23.41 -19.41
C GLU B 168 -6.35 -22.47 -20.59
N GLY B 169 -6.45 -21.17 -20.34
CA GLY B 169 -6.62 -20.20 -21.39
C GLY B 169 -5.40 -19.37 -21.66
N ILE B 170 -4.98 -18.57 -20.66
CA ILE B 170 -3.95 -17.56 -20.90
C ILE B 170 -2.62 -18.22 -21.21
N LEU B 171 -2.25 -19.23 -20.43
CA LEU B 171 -0.94 -19.86 -20.61
C LEU B 171 -0.72 -20.35 -22.03
N PRO B 172 -1.58 -21.19 -22.61
CA PRO B 172 -1.34 -21.61 -24.01
C PRO B 172 -1.57 -20.50 -25.01
N LYS B 173 -2.43 -19.53 -24.71
CA LYS B 173 -2.68 -18.44 -25.65
C LYS B 173 -1.50 -17.50 -25.76
N PHE B 174 -0.64 -17.44 -24.74
CA PHE B 174 0.49 -16.53 -24.71
C PHE B 174 1.82 -17.23 -25.03
N VAL B 175 1.76 -18.44 -25.59
CA VAL B 175 2.90 -19.11 -26.21
C VAL B 175 2.55 -19.28 -27.68
N VAL B 176 3.51 -18.96 -28.57
CA VAL B 176 3.22 -19.03 -30.00
C VAL B 176 3.11 -20.48 -30.46
N ARG B 177 4.11 -21.30 -30.12
CA ARG B 177 4.06 -22.71 -30.43
C ARG B 177 3.08 -23.41 -29.49
N PRO B 178 2.59 -24.60 -29.87
CA PRO B 178 1.63 -25.29 -29.00
C PRO B 178 2.31 -25.97 -27.81
N LEU B 179 1.78 -25.74 -26.63
CA LEU B 179 2.23 -26.45 -25.44
C LEU B 179 1.74 -27.90 -25.50
N THR B 180 2.57 -28.82 -25.03
CA THR B 180 2.20 -30.22 -25.03
C THR B 180 1.41 -30.54 -23.77
N GLU B 181 0.78 -31.72 -23.77
CA GLU B 181 0.01 -32.15 -22.61
C GLU B 181 0.91 -32.35 -21.40
N VAL B 182 2.12 -32.87 -21.62
CA VAL B 182 3.07 -33.05 -20.51
C VAL B 182 3.38 -31.69 -19.89
N GLU B 183 3.63 -30.69 -20.72
CA GLU B 183 3.94 -29.36 -20.20
C GLU B 183 2.75 -28.78 -19.45
N MET B 184 1.56 -28.88 -20.05
CA MET B 184 0.36 -28.37 -19.39
C MET B 184 0.15 -29.05 -18.04
N ASP B 185 0.42 -30.35 -17.94
CA ASP B 185 0.19 -31.04 -16.67
C ASP B 185 1.17 -30.57 -15.60
N HIS B 186 2.40 -30.22 -16.00
CA HIS B 186 3.34 -29.63 -15.05
C HIS B 186 2.80 -28.30 -14.53
N TYR B 187 2.25 -27.47 -15.43
CA TYR B 187 1.72 -26.18 -15.02
C TYR B 187 0.42 -26.33 -14.25
N ARG B 188 -0.34 -27.40 -14.51
CA ARG B 188 -1.62 -27.61 -13.84
C ARG B 188 -1.46 -28.09 -12.40
N GLU B 189 -0.38 -28.82 -12.11
N GLU B 189 -0.38 -28.83 -12.11
CA GLU B 189 -0.30 -29.55 -10.84
CA GLU B 189 -0.28 -29.55 -10.84
C GLU B 189 -0.49 -28.69 -9.59
C GLU B 189 -0.49 -28.69 -9.60
N PRO B 190 0.05 -27.47 -9.48
CA PRO B 190 -0.15 -26.71 -8.24
C PRO B 190 -1.56 -26.15 -8.07
N PHE B 191 -2.43 -26.27 -9.07
CA PHE B 191 -3.70 -25.55 -9.06
C PHE B 191 -4.87 -26.49 -9.36
N LEU B 192 -4.71 -27.79 -9.09
CA LEU B 192 -5.77 -28.74 -9.43
C LEU B 192 -7.07 -28.44 -8.70
N LYS B 193 -6.99 -27.87 -7.49
CA LYS B 193 -8.19 -27.50 -6.74
C LYS B 193 -8.41 -26.00 -6.77
N PRO B 194 -9.67 -25.56 -6.97
CA PRO B 194 -9.97 -24.13 -6.97
C PRO B 194 -9.51 -23.39 -5.73
N VAL B 195 -9.52 -24.02 -4.56
CA VAL B 195 -9.09 -23.34 -3.33
C VAL B 195 -7.63 -22.93 -3.38
N TRP B 196 -6.86 -23.47 -4.34
CA TRP B 196 -5.45 -23.13 -4.48
C TRP B 196 -5.22 -21.97 -5.43
N ARG B 197 -6.26 -21.40 -6.01
CA ARG B 197 -6.07 -20.52 -7.16
C ARG B 197 -6.10 -19.03 -6.81
N GLU B 198 -6.16 -18.66 -5.53
CA GLU B 198 -6.18 -17.23 -5.18
C GLU B 198 -5.02 -16.44 -5.79
N PRO B 199 -3.76 -16.90 -5.77
CA PRO B 199 -2.71 -16.09 -6.39
C PRO B 199 -2.96 -15.81 -7.85
N LEU B 200 -3.61 -16.74 -8.56
CA LEU B 200 -3.80 -16.58 -10.00
C LEU B 200 -4.77 -15.46 -10.30
N TRP B 201 -5.71 -15.20 -9.40
CA TRP B 201 -6.66 -14.12 -9.54
C TRP B 201 -6.11 -12.80 -8.99
N ARG B 202 -5.34 -12.86 -7.90
CA ARG B 202 -4.81 -11.63 -7.34
C ARG B 202 -3.86 -10.94 -8.31
N PHE B 203 -3.03 -11.72 -9.01
CA PHE B 203 -2.02 -11.11 -9.88
C PHE B 203 -2.61 -10.20 -10.96
N PRO B 204 -3.58 -10.63 -11.78
CA PRO B 204 -4.12 -9.70 -12.79
C PRO B 204 -4.82 -8.52 -12.17
N ASN B 205 -5.34 -8.69 -10.95
CA ASN B 205 -5.97 -7.58 -10.25
C ASN B 205 -4.96 -6.61 -9.66
N GLU B 206 -3.66 -6.91 -9.73
N GLU B 206 -3.66 -6.93 -9.72
CA GLU B 206 -2.63 -5.97 -9.30
CA GLU B 206 -2.60 -6.04 -9.29
C GLU B 206 -1.87 -5.35 -10.44
C GLU B 206 -1.86 -5.38 -10.43
N LEU B 207 -2.11 -5.77 -11.68
CA LEU B 207 -1.38 -5.21 -12.82
C LEU B 207 -1.56 -3.69 -12.84
N PRO B 208 -0.50 -2.93 -13.03
CA PRO B 208 -0.63 -1.47 -13.02
C PRO B 208 -1.09 -0.93 -14.37
N ILE B 209 -2.37 -0.65 -14.49
CA ILE B 209 -2.98 -0.23 -15.75
C ILE B 209 -3.81 1.02 -15.47
N ALA B 210 -3.54 2.09 -16.21
CA ALA B 210 -4.31 3.33 -16.10
C ALA B 210 -4.38 3.82 -14.65
N GLY B 211 -3.26 3.69 -13.94
CA GLY B 211 -3.14 4.21 -12.60
C GLY B 211 -3.63 3.32 -11.48
N GLU B 212 -4.21 2.16 -11.80
CA GLU B 212 -4.87 1.30 -10.81
C GLU B 212 -4.31 -0.12 -10.86
N PRO B 213 -4.12 -0.76 -9.71
CA PRO B 213 -4.27 -0.18 -8.37
C PRO B 213 -3.17 0.84 -8.06
N ALA B 214 -3.51 1.86 -7.27
CA ALA B 214 -2.58 2.98 -7.09
C ALA B 214 -1.29 2.55 -6.40
N ASN B 215 -1.37 1.62 -5.44
CA ASN B 215 -0.14 1.24 -4.74
C ASN B 215 0.84 0.53 -5.69
N ILE B 216 0.35 -0.39 -6.52
CA ILE B 216 1.26 -1.06 -7.46
C ILE B 216 1.74 -0.09 -8.53
N TRP B 217 0.86 0.78 -9.02
CA TRP B 217 1.27 1.79 -9.97
C TRP B 217 2.46 2.59 -9.45
N ALA B 218 2.38 3.03 -8.19
CA ALA B 218 3.46 3.84 -7.64
C ALA B 218 4.73 3.02 -7.47
N LEU B 219 4.59 1.78 -7.01
CA LEU B 219 5.78 0.97 -6.75
C LEU B 219 6.49 0.60 -8.06
N VAL B 220 5.73 0.35 -9.12
CA VAL B 220 6.33 0.02 -10.42
C VAL B 220 6.96 1.27 -11.04
N GLU B 221 6.28 2.41 -10.96
CA GLU B 221 6.90 3.66 -11.41
C GLU B 221 8.22 3.91 -10.67
N ALA B 222 8.25 3.60 -9.37
CA ALA B 222 9.46 3.82 -8.59
C ALA B 222 10.62 2.96 -9.07
N TYR B 223 10.37 1.66 -9.32
CA TYR B 223 11.52 0.88 -9.77
C TYR B 223 11.87 1.14 -11.23
N MET B 224 10.93 1.61 -12.06
CA MET B 224 11.32 2.03 -13.40
C MET B 224 12.19 3.28 -13.34
N ASN B 225 11.87 4.21 -12.43
N ASN B 225 11.87 4.21 -12.43
CA ASN B 225 12.73 5.38 -12.23
CA ASN B 225 12.73 5.38 -12.23
C ASN B 225 14.12 4.96 -11.76
C ASN B 225 14.11 4.97 -11.76
N TRP B 226 14.18 4.01 -10.83
CA TRP B 226 15.48 3.50 -10.39
C TRP B 226 16.24 2.87 -11.56
N LEU B 227 15.55 2.09 -12.37
CA LEU B 227 16.22 1.42 -13.49
C LEU B 227 16.80 2.42 -14.47
N HIS B 228 16.09 3.54 -14.70
CA HIS B 228 16.56 4.55 -15.64
C HIS B 228 17.82 5.25 -15.14
N GLN B 229 18.04 5.30 -13.83
CA GLN B 229 19.23 5.94 -13.29
C GLN B 229 20.32 4.95 -12.92
N SER B 230 20.07 3.65 -13.03
CA SER B 230 21.05 2.72 -12.51
C SER B 230 22.04 2.30 -13.60
N PRO B 231 23.32 2.23 -13.29
CA PRO B 231 24.31 1.74 -14.26
C PRO B 231 24.38 0.23 -14.35
N VAL B 232 23.52 -0.50 -13.62
CA VAL B 232 23.65 -1.96 -13.58
C VAL B 232 23.54 -2.53 -14.99
N PRO B 233 24.34 -3.51 -15.36
CA PRO B 233 24.18 -4.14 -16.68
C PRO B 233 22.81 -4.78 -16.83
N LYS B 234 22.22 -4.61 -18.00
CA LYS B 234 20.85 -5.02 -18.25
C LYS B 234 20.78 -5.77 -19.57
N LEU B 235 19.94 -6.81 -19.62
CA LEU B 235 19.75 -7.63 -20.80
C LEU B 235 18.26 -7.89 -20.98
N LEU B 236 17.70 -7.40 -22.08
CA LEU B 236 16.27 -7.49 -22.35
C LEU B 236 16.03 -8.39 -23.55
N PHE B 237 15.20 -9.42 -23.38
CA PHE B 237 14.74 -10.27 -24.45
C PHE B 237 13.34 -9.85 -24.85
N TRP B 238 13.07 -9.81 -26.15
CA TRP B 238 11.76 -9.40 -26.63
C TRP B 238 11.38 -10.22 -27.86
N GLY B 239 10.08 -10.39 -28.05
CA GLY B 239 9.55 -11.10 -29.20
C GLY B 239 8.53 -10.24 -29.94
N THR B 240 8.08 -10.78 -31.09
CA THR B 240 7.01 -10.11 -31.82
C THR B 240 5.80 -11.03 -31.87
N PRO B 241 4.60 -10.53 -31.52
CA PRO B 241 4.33 -9.12 -31.20
C PRO B 241 4.56 -8.73 -29.75
N GLY B 242 4.87 -9.70 -28.89
CA GLY B 242 4.93 -9.43 -27.47
C GLY B 242 3.54 -9.25 -26.87
N VAL B 243 3.51 -9.06 -25.55
CA VAL B 243 2.29 -8.73 -24.85
C VAL B 243 2.52 -7.49 -23.99
N LEU B 244 3.30 -7.65 -22.92
CA LEU B 244 3.61 -6.51 -22.06
C LEU B 244 4.66 -5.61 -22.69
N ILE B 245 5.54 -6.17 -23.52
CA ILE B 245 6.65 -5.41 -24.09
C ILE B 245 6.61 -5.55 -25.60
N PRO B 246 5.83 -4.73 -26.29
CA PRO B 246 5.87 -4.71 -27.75
C PRO B 246 7.21 -4.21 -28.24
N PRO B 247 7.54 -4.47 -29.51
CA PRO B 247 8.87 -4.07 -30.01
C PRO B 247 9.17 -2.59 -29.80
N ALA B 248 8.20 -1.71 -30.01
CA ALA B 248 8.43 -0.27 -29.82
C ALA B 248 8.86 0.01 -28.38
N GLU B 249 8.27 -0.69 -27.42
CA GLU B 249 8.67 -0.49 -26.03
C GLU B 249 10.08 -1.02 -25.78
N ALA B 250 10.43 -2.16 -26.37
CA ALA B 250 11.81 -2.64 -26.26
C ALA B 250 12.79 -1.60 -26.79
N ALA B 251 12.46 -0.98 -27.93
CA ALA B 251 13.35 0.01 -28.48
C ALA B 251 13.40 1.27 -27.62
N ARG B 252 12.26 1.66 -27.04
CA ARG B 252 12.26 2.81 -26.16
C ARG B 252 13.16 2.58 -24.95
N LEU B 253 13.10 1.37 -24.39
CA LEU B 253 13.96 1.04 -23.26
C LEU B 253 15.43 1.01 -23.66
N ALA B 254 15.73 0.54 -24.88
CA ALA B 254 17.12 0.51 -25.35
C ALA B 254 17.71 1.92 -25.39
N GLU B 255 16.88 2.94 -25.64
CA GLU B 255 17.37 4.30 -25.71
C GLU B 255 17.44 4.95 -24.33
N SER B 256 16.58 4.54 -23.38
CA SER B 256 16.47 5.24 -22.11
C SER B 256 17.14 4.54 -20.94
N LEU B 257 17.36 3.21 -21.01
CA LEU B 257 17.99 2.58 -19.85
C LEU B 257 19.49 2.48 -20.03
N PRO B 258 20.30 2.80 -19.02
CA PRO B 258 21.75 2.67 -19.17
C PRO B 258 22.17 1.22 -19.32
N ASN B 259 23.17 1.00 -20.16
CA ASN B 259 23.90 -0.28 -20.21
C ASN B 259 22.97 -1.45 -20.51
N LEU B 260 22.09 -1.26 -21.50
CA LEU B 260 21.08 -2.24 -21.87
C LEU B 260 21.45 -2.89 -23.20
N LYS B 261 21.54 -4.21 -23.19
CA LYS B 261 21.64 -5.02 -24.40
C LYS B 261 20.27 -5.65 -24.68
N THR B 262 19.85 -5.62 -25.94
CA THR B 262 18.58 -6.23 -26.32
C THR B 262 18.83 -7.42 -27.23
N VAL B 263 17.95 -8.42 -27.10
CA VAL B 263 18.02 -9.62 -27.93
C VAL B 263 16.61 -9.96 -28.41
N PHE B 264 16.43 -10.02 -29.72
CA PHE B 264 15.17 -10.43 -30.33
C PHE B 264 15.12 -11.95 -30.39
N ILE B 265 14.02 -12.54 -29.88
CA ILE B 265 13.94 -14.01 -29.82
C ILE B 265 13.09 -14.59 -30.93
N GLY B 266 12.53 -13.77 -31.82
CA GLY B 266 11.63 -14.26 -32.84
C GLY B 266 10.19 -14.09 -32.44
N PRO B 267 9.29 -14.88 -33.05
CA PRO B 267 7.89 -14.88 -32.62
C PRO B 267 7.78 -15.14 -31.13
N GLY B 268 6.97 -14.32 -30.48
CA GLY B 268 6.83 -14.47 -29.05
C GLY B 268 5.68 -13.62 -28.56
N LEU B 269 4.96 -14.13 -27.54
CA LEU B 269 3.87 -13.38 -26.95
C LEU B 269 4.30 -13.01 -25.55
N HIS B 270 3.95 -13.80 -24.53
CA HIS B 270 4.37 -13.47 -23.17
C HIS B 270 5.38 -14.45 -22.59
N TYR B 271 5.15 -15.75 -22.72
CA TYR B 271 6.04 -16.74 -22.11
C TYR B 271 7.15 -17.08 -23.10
N LEU B 272 8.03 -16.10 -23.29
CA LEU B 272 9.07 -16.22 -24.30
C LEU B 272 9.96 -17.43 -24.05
N GLN B 273 10.11 -17.81 -22.78
CA GLN B 273 10.91 -18.97 -22.42
C GLN B 273 10.41 -20.25 -23.07
N GLU B 274 9.11 -20.31 -23.40
CA GLU B 274 8.55 -21.48 -24.04
C GLU B 274 8.66 -21.43 -25.55
N ASP B 275 9.01 -20.29 -26.13
CA ASP B 275 9.16 -20.21 -27.56
C ASP B 275 10.61 -20.30 -28.02
N ASN B 276 11.57 -19.75 -27.27
CA ASN B 276 12.98 -19.80 -27.65
C ASN B 276 13.87 -19.88 -26.42
N PRO B 277 13.80 -20.99 -25.67
CA PRO B 277 14.66 -21.11 -24.48
C PRO B 277 16.14 -21.19 -24.82
N ASP B 278 16.49 -21.77 -25.96
CA ASP B 278 17.91 -21.97 -26.22
C ASP B 278 18.61 -20.63 -26.47
N LEU B 279 17.95 -19.71 -27.19
CA LEU B 279 18.56 -18.40 -27.38
C LEU B 279 18.60 -17.61 -26.08
N ILE B 280 17.54 -17.67 -25.28
CA ILE B 280 17.55 -16.94 -24.02
C ILE B 280 18.64 -17.47 -23.11
N GLY B 281 18.71 -18.80 -22.94
CA GLY B 281 19.71 -19.37 -22.06
C GLY B 281 21.13 -19.14 -22.57
N SER B 282 21.36 -19.32 -23.87
CA SER B 282 22.70 -19.16 -24.41
C SER B 282 23.15 -17.70 -24.34
N GLU B 283 22.25 -16.76 -24.58
CA GLU B 283 22.63 -15.35 -24.50
C GLU B 283 22.89 -14.92 -23.06
N ILE B 284 22.10 -15.42 -22.09
CA ILE B 284 22.43 -15.11 -20.70
C ILE B 284 23.82 -15.63 -20.37
N ALA B 285 24.12 -16.86 -20.79
CA ALA B 285 25.41 -17.46 -20.47
C ALA B 285 26.56 -16.65 -21.09
N ARG B 286 26.34 -16.13 -22.30
CA ARG B 286 27.38 -15.34 -22.96
C ARG B 286 27.54 -13.96 -22.32
N TRP B 287 26.49 -13.45 -21.69
CA TRP B 287 26.50 -12.12 -21.10
C TRP B 287 27.08 -12.10 -19.69
N LEU B 288 26.95 -13.19 -18.94
CA LEU B 288 27.44 -13.20 -17.56
C LEU B 288 28.93 -12.90 -17.40
N PRO B 289 29.83 -13.38 -18.26
CA PRO B 289 31.26 -13.04 -18.07
C PRO B 289 31.54 -11.55 -18.12
N ALA B 290 30.77 -10.78 -18.89
CA ALA B 290 30.98 -9.34 -18.95
C ALA B 290 30.68 -8.64 -17.62
N LEU B 291 29.98 -9.29 -16.71
CA LEU B 291 29.62 -8.66 -15.44
C LEU B 291 30.83 -8.58 -14.50
KR KR C . -8.01 7.55 23.06
KR KR D . -13.79 5.04 17.59
KR KR E . -1.99 16.52 6.80
KR KR F . -1.19 17.56 9.43
KR KR G . 3.74 23.48 5.07
KR KR H . -2.86 10.40 3.84
KR KR I . -3.27 14.80 -0.75
KR KR J . 1.46 6.59 13.98
KR KR K . -18.67 18.00 -2.49
KR KR L . -14.58 16.52 -9.84
KR KR M . 11.54 11.55 20.85
KR KR N . -17.03 8.85 -7.44
S SCN O . 1.03 13.25 9.95
C SCN O . -0.50 14.01 9.52
N SCN O . -1.46 14.48 9.21
S SCN P . -19.79 22.78 26.20
C SCN P . -19.21 24.46 26.55
N SCN P . -18.84 25.50 26.78
S SCN Q . -14.01 30.02 -0.81
C SCN Q . -15.52 30.60 -0.02
N SCN Q . -16.48 30.95 0.47
C1 B3P R . 10.72 1.50 22.36
C2 B3P R . 9.57 0.84 23.20
C3 B3P R . 10.54 3.03 22.16
N1 B3P R . 11.50 3.44 21.12
C4 B3P R . 11.54 4.89 20.89
C5 B3P R . 12.65 5.11 19.84
C6 B3P R . 11.88 5.65 22.15
C7 B3P R . 10.19 5.38 20.34
N2 B3P R . 9.89 -0.59 23.42
C8 B3P R . 8.99 -1.17 24.42
C9 B3P R . 9.22 -2.68 24.50
C10 B3P R . 9.26 -0.56 25.80
C11 B3P R . 7.54 -0.91 24.04
O1 B3P R . 10.59 -2.92 24.25
O2 B3P R . 10.64 -0.63 26.04
O3 B3P R . 7.35 -1.41 22.74
O4 B3P R . 12.61 6.43 19.38
O5 B3P R . 13.02 5.07 22.71
O6 B3P R . 9.77 4.51 19.33
C1 GOL S . 8.11 5.72 3.04
O1 GOL S . 9.40 6.23 2.85
C2 GOL S . 8.01 5.09 4.42
O2 GOL S . 6.95 4.18 4.41
C3 GOL S . 7.78 6.10 5.53
O3 GOL S . 8.97 6.24 6.26
C1 GOL T . -16.27 31.64 10.12
O1 GOL T . -15.32 31.72 9.08
C2 GOL T . -15.54 31.82 11.46
O2 GOL T . -15.37 33.20 11.68
C3 GOL T . -16.32 31.24 12.65
O3 GOL T . -16.62 29.90 12.41
KR KR U . 15.20 -10.46 -5.96
KR KR V . 0.32 -13.47 -18.08
KR KR W . 0.62 -10.69 -19.25
KR KR X . 1.62 -4.60 -16.63
KR KR Y . 10.46 -16.67 -3.31
KR KR Z . 1.41 -9.34 -6.94
KR KR AA . 6.54 -2.92 -7.20
KR KR BA . 0.55 -3.97 -22.51
KR KR CA . -9.39 -19.53 -4.03
S SCN DA . -1.37 -11.32 -14.14
C SCN DA . -0.03 -11.28 -15.29
N SCN DA . 0.79 -11.25 -16.00
S SCN EA . 21.23 -27.88 -15.13
C SCN EA . 20.58 -29.30 -16.02
N SCN EA . 20.18 -30.21 -16.57
S SCN FA . 22.27 -26.93 -22.79
C SCN FA . 24.01 -26.44 -22.79
N SCN FA . 25.10 -26.14 -22.78
C1 B3P GA . -7.44 -13.90 4.43
C2 B3P GA . -6.15 -14.08 5.29
C3 B3P GA . -7.44 -14.70 3.09
N1 B3P GA . -8.66 -14.31 2.34
C4 B3P GA . -8.82 -15.05 1.08
C5 B3P GA . -8.95 -16.54 1.35
C6 B3P GA . -7.62 -14.81 0.17
C7 B3P GA . -10.09 -14.50 0.42
N2 B3P GA . -6.33 -13.33 6.55
C8 B3P GA . -5.16 -13.40 7.44
C9 B3P GA . -5.35 -12.35 8.55
C10 B3P GA . -5.07 -14.78 8.06
C11 B3P GA . -3.88 -13.10 6.67
O1 B3P GA . -4.23 -12.40 9.41
O2 B3P GA . -6.37 -15.17 8.44
O3 B3P GA . -3.99 -11.84 6.07
O4 B3P GA . -9.94 -16.75 2.34
O5 B3P GA . -7.45 -13.43 0.01
O6 B3P GA . -10.28 -15.10 -0.84
C1 GOL HA . 6.02 -3.97 -0.87
O1 GOL HA . 4.65 -3.97 -0.62
C2 GOL HA . 6.71 -3.03 0.11
O2 GOL HA . 8.09 -3.26 0.05
C3 GOL HA . 6.44 -1.55 -0.22
O3 GOL HA . 7.04 -0.73 0.73
C1 GOL IA . 14.86 -6.03 2.11
O1 GOL IA . 14.93 -6.37 0.76
C2 GOL IA . 15.82 -6.94 2.88
O2 GOL IA . 15.33 -8.25 2.81
C3 GOL IA . 17.23 -6.93 2.30
O3 GOL IA . 17.69 -5.61 2.34
C1 GOL JA . 27.89 -17.45 -3.30
O1 GOL JA . 29.15 -18.08 -3.38
C2 GOL JA . 26.86 -18.35 -2.66
O2 GOL JA . 26.57 -19.45 -3.50
C3 GOL JA . 25.60 -17.51 -2.50
O3 GOL JA . 25.85 -16.63 -1.44
C1 GOL KA . -0.27 -6.17 3.37
O1 GOL KA . 0.37 -4.93 3.53
C2 GOL KA . -1.34 -6.02 2.29
O2 GOL KA . -2.04 -7.24 2.22
C3 GOL KA . -0.74 -5.73 0.92
O3 GOL KA . -1.10 -4.48 0.43
C1 GOL LA . 14.04 -21.97 -31.00
O1 GOL LA . 12.87 -21.30 -31.37
C2 GOL LA . 13.67 -23.25 -30.26
O2 GOL LA . 13.61 -24.29 -31.20
C3 GOL LA . 14.68 -23.64 -29.18
O3 GOL LA . 14.93 -22.54 -28.35
C1 GOL MA . 5.58 -29.92 -11.22
O1 GOL MA . 4.32 -29.42 -11.59
C2 GOL MA . 6.64 -29.26 -12.10
O2 GOL MA . 7.78 -30.06 -12.06
C3 GOL MA . 7.00 -27.85 -11.65
O3 GOL MA . 8.39 -27.82 -11.43
#